data_6A8A
#
_entry.id   6A8A
#
_cell.length_a   99.902
_cell.length_b   99.902
_cell.length_c   125.554
_cell.angle_alpha   90.00
_cell.angle_beta   90.00
_cell.angle_gamma   120.00
#
_symmetry.space_group_name_H-M   'P 61'
#
loop_
_entity.id
_entity.type
_entity.pdbx_description
1 polymer Ribokinase
2 non-polymer GLYCEROL
3 non-polymer "ADENOSINE-5'-TRIPHOSPHATE"
4 non-polymer 'SODIUM ION'
5 non-polymer 'CHLORIDE ION'
6 water water
#
_entity_poly.entity_id   1
_entity_poly.type   'polypeptide(L)'
_entity_poly.pdbx_seq_one_letter_code
;MGSSHHHHHHSSGLVPRGSHMHRARNVRSHTGEYAPDILVVGSCFLDYVGYVDHMPQVGETMHSVSFHKGFGGKGANQAV
AAGRLGAKVAMVSMVGTDGDGSDYIKELERNGVDTAYMFRTGKSSTGLAMILVDTKSSNNEIVICPNATNHFTPELLRAQ
TNNYERILHTGLKYLICQNEIPLPTTLDTIKEAHSRGVYTVFNSAPAPKPAEVEQIKPFLPYVSLFCPNEVEATLITGVK
VTDTESAFSAIKALQQLGVRDVVITLGAAGFVLSENGAEPVHVTGKHVKAVDTTGAGDCFVGSMVYFMSRGRNLLEACKR
ANECAAISVTRKGTQLSYPHPSELPAGVM
;
_entity_poly.pdbx_strand_id   A,B
#
# COMPACT_ATOMS: atom_id res chain seq x y z
N ARG A 23 -18.35 -11.57 2.48
CA ARG A 23 -17.47 -11.89 3.64
C ARG A 23 -16.34 -12.78 3.14
N ALA A 24 -15.12 -12.23 3.13
CA ALA A 24 -13.92 -12.99 2.87
C ALA A 24 -13.61 -13.84 4.11
N ARG A 25 -14.00 -13.35 5.30
CA ARG A 25 -13.63 -14.00 6.54
C ARG A 25 -14.42 -15.29 6.71
N ASN A 26 -13.82 -16.23 7.43
CA ASN A 26 -14.50 -17.40 7.96
C ASN A 26 -15.66 -17.00 8.88
N VAL A 27 -16.59 -17.96 9.05
CA VAL A 27 -17.68 -17.87 9.99
C VAL A 27 -17.53 -18.99 11.03
N ARG A 28 -17.69 -18.63 12.31
CA ARG A 28 -17.71 -19.58 13.43
C ARG A 28 -19.08 -20.24 13.42
N SER A 29 -19.20 -21.50 13.86
CA SER A 29 -20.55 -22.15 13.97
C SER A 29 -21.12 -22.00 15.38
N HIS A 30 -22.44 -22.20 15.53
CA HIS A 30 -23.16 -22.14 16.83
C HIS A 30 -22.55 -23.11 17.85
N THR A 31 -22.12 -24.29 17.37
CA THR A 31 -21.65 -25.41 18.25
C THR A 31 -20.14 -25.38 18.49
N GLY A 32 -19.41 -24.57 17.71
CA GLY A 32 -17.96 -24.42 17.84
C GLY A 32 -17.19 -25.60 17.27
N GLU A 33 -17.67 -26.19 16.18
CA GLU A 33 -17.05 -27.44 15.61
C GLU A 33 -15.64 -27.17 15.05
N TYR A 34 -15.36 -25.92 14.65
CA TYR A 34 -14.11 -25.56 13.98
C TYR A 34 -13.24 -24.69 14.88
N ALA A 35 -13.53 -24.67 16.20
CA ALA A 35 -12.85 -23.79 17.15
C ALA A 35 -11.37 -24.13 17.16
N PRO A 36 -10.49 -23.12 17.22
CA PRO A 36 -9.07 -23.39 17.12
C PRO A 36 -8.44 -23.95 18.41
N ASP A 37 -7.32 -24.64 18.22
CA ASP A 37 -6.38 -25.03 19.28
C ASP A 37 -5.47 -23.87 19.68
N ILE A 38 -5.09 -23.02 18.71
CA ILE A 38 -4.16 -21.94 18.88
C ILE A 38 -4.82 -20.62 18.42
N LEU A 39 -4.81 -19.63 19.31
CA LEU A 39 -5.27 -18.28 19.01
C LEU A 39 -4.07 -17.33 19.00
N VAL A 40 -3.88 -16.61 17.90
CA VAL A 40 -2.89 -15.53 17.77
C VAL A 40 -3.61 -14.19 17.83
N VAL A 41 -3.29 -13.40 18.84
CA VAL A 41 -3.82 -12.08 19.00
C VAL A 41 -2.67 -11.10 18.80
N GLY A 42 -2.65 -10.48 17.61
CA GLY A 42 -1.53 -9.63 17.23
C GLY A 42 -1.77 -8.98 15.87
N SER A 43 -0.66 -8.62 15.24
CA SER A 43 -0.57 -7.67 14.14
C SER A 43 -0.62 -8.39 12.78
N CYS A 44 -1.24 -7.69 11.84
CA CYS A 44 -1.19 -8.01 10.46
C CYS A 44 -0.79 -6.76 9.68
N PHE A 45 0.37 -6.79 9.00
CA PHE A 45 0.85 -5.66 8.26
C PHE A 45 1.18 -6.13 6.86
N LEU A 46 0.73 -5.41 5.85
CA LEU A 46 1.19 -5.63 4.49
C LEU A 46 2.58 -5.02 4.37
N ASP A 47 3.47 -5.63 3.58
CA ASP A 47 4.77 -5.10 3.41
C ASP A 47 4.86 -4.63 1.97
N TYR A 48 5.01 -3.33 1.80
CA TYR A 48 5.03 -2.70 0.48
C TYR A 48 6.52 -2.44 0.21
N VAL A 49 7.12 -3.21 -0.72
CA VAL A 49 8.59 -3.17 -0.80
C VAL A 49 8.97 -2.56 -2.14
N GLY A 50 9.57 -1.36 -2.10
CA GLY A 50 10.04 -0.74 -3.28
C GLY A 50 11.55 -0.86 -3.34
N TYR A 51 12.03 -1.47 -4.42
CA TYR A 51 13.44 -1.66 -4.67
C TYR A 51 13.92 -0.43 -5.42
N VAL A 52 14.99 0.20 -4.93
CA VAL A 52 15.44 1.46 -5.49
C VAL A 52 16.96 1.43 -5.78
N ASP A 53 17.36 2.24 -6.76
CA ASP A 53 18.76 2.35 -7.19
C ASP A 53 19.54 3.18 -6.18
N HIS A 54 18.86 4.04 -5.43
CA HIS A 54 19.42 4.79 -4.31
C HIS A 54 18.26 5.17 -3.39
N MET A 55 18.56 5.47 -2.14
CA MET A 55 17.53 5.98 -1.24
C MET A 55 17.14 7.39 -1.67
N PRO A 56 15.86 7.76 -1.58
CA PRO A 56 15.46 9.09 -2.00
C PRO A 56 16.05 10.15 -1.05
N GLN A 57 16.54 11.26 -1.62
CA GLN A 57 16.90 12.42 -0.79
C GLN A 57 15.63 13.24 -0.59
N VAL A 58 15.68 14.18 0.35
CA VAL A 58 14.56 15.01 0.68
C VAL A 58 14.12 15.74 -0.57
N GLY A 59 12.81 15.73 -0.85
CA GLY A 59 12.24 16.41 -1.98
C GLY A 59 12.24 15.58 -3.24
N GLU A 60 12.84 14.39 -3.21
CA GLU A 60 13.03 13.60 -4.42
C GLU A 60 11.78 12.77 -4.74
N THR A 61 11.35 12.80 -6.01
CA THR A 61 10.45 11.86 -6.60
C THR A 61 11.24 10.94 -7.52
N MET A 62 11.18 9.61 -7.30
CA MET A 62 11.87 8.62 -8.16
C MET A 62 10.97 7.40 -8.46
N HIS A 63 11.42 6.58 -9.38
CA HIS A 63 10.77 5.32 -9.65
C HIS A 63 11.54 4.21 -8.97
N SER A 64 10.81 3.14 -8.65
CA SER A 64 11.39 1.91 -8.20
C SER A 64 11.94 1.16 -9.41
N VAL A 65 12.83 0.22 -9.15
CA VAL A 65 13.32 -0.67 -10.19
C VAL A 65 12.56 -2.00 -10.12
N SER A 66 11.94 -2.28 -8.98
CA SER A 66 11.12 -3.45 -8.78
CA SER A 66 11.06 -3.42 -8.82
C SER A 66 10.22 -3.20 -7.57
N PHE A 67 9.16 -3.99 -7.44
CA PHE A 67 8.26 -3.90 -6.32
C PHE A 67 7.85 -5.32 -5.89
N HIS A 68 7.58 -5.50 -4.59
CA HIS A 68 7.14 -6.75 -4.05
C HIS A 68 6.15 -6.43 -2.94
N LYS A 69 5.00 -7.12 -2.95
CA LYS A 69 4.02 -7.03 -1.88
C LYS A 69 4.09 -8.32 -1.08
N GLY A 70 4.38 -8.16 0.21
CA GLY A 70 4.52 -9.25 1.13
C GLY A 70 3.48 -9.13 2.24
N PHE A 71 3.26 -10.25 2.93
CA PHE A 71 2.36 -10.35 4.03
C PHE A 71 3.19 -10.49 5.30
N GLY A 72 3.09 -9.50 6.21
CA GLY A 72 3.85 -9.49 7.41
C GLY A 72 3.03 -9.13 8.61
N GLY A 73 3.70 -8.51 9.56
CA GLY A 73 3.17 -8.41 10.93
C GLY A 73 3.60 -9.64 11.68
N LYS A 74 4.19 -9.48 12.86
CA LYS A 74 4.68 -10.61 13.64
C LYS A 74 3.52 -11.54 13.99
N GLY A 75 2.32 -11.00 14.28
CA GLY A 75 1.17 -11.81 14.64
C GLY A 75 0.79 -12.78 13.52
N ALA A 76 0.59 -12.23 12.33
CA ALA A 76 0.23 -12.99 11.17
C ALA A 76 1.35 -13.94 10.78
N ASN A 77 2.60 -13.47 10.85
CA ASN A 77 3.74 -14.34 10.54
C ASN A 77 3.68 -15.57 11.42
N GLN A 78 3.41 -15.37 12.72
CA GLN A 78 3.46 -16.53 13.62
C GLN A 78 2.29 -17.46 13.32
N ALA A 79 1.11 -16.89 13.05
CA ALA A 79 -0.08 -17.69 12.71
C ALA A 79 0.18 -18.50 11.44
N VAL A 80 0.77 -17.88 10.43
CA VAL A 80 1.04 -18.52 9.14
C VAL A 80 2.15 -19.57 9.26
N ALA A 81 3.18 -19.31 10.05
CA ALA A 81 4.17 -20.37 10.34
C ALA A 81 3.44 -21.62 10.84
N ALA A 82 2.55 -21.45 11.82
CA ALA A 82 1.78 -22.55 12.41
C ALA A 82 0.82 -23.18 11.36
N GLY A 83 0.08 -22.31 10.65
CA GLY A 83 -0.91 -22.71 9.70
C GLY A 83 -0.33 -23.50 8.54
N ARG A 84 0.87 -23.14 8.08
CA ARG A 84 1.52 -23.84 7.00
C ARG A 84 1.89 -25.28 7.42
N LEU A 85 2.01 -25.53 8.72
CA LEU A 85 2.36 -26.86 9.24
C LEU A 85 1.10 -27.65 9.52
N GLY A 86 -0.07 -26.99 9.45
CA GLY A 86 -1.34 -27.65 9.59
C GLY A 86 -2.06 -27.29 10.88
N ALA A 87 -1.54 -26.29 11.59
CA ALA A 87 -2.15 -25.85 12.87
C ALA A 87 -3.63 -25.47 12.72
N LYS A 88 -4.44 -25.83 13.72
CA LYS A 88 -5.77 -25.28 13.88
C LYS A 88 -5.67 -23.93 14.60
N VAL A 89 -5.22 -22.92 13.85
CA VAL A 89 -4.84 -21.64 14.41
C VAL A 89 -5.85 -20.62 13.89
N ALA A 90 -6.20 -19.64 14.73
CA ALA A 90 -7.06 -18.52 14.35
C ALA A 90 -6.34 -17.23 14.66
N MET A 91 -6.48 -16.25 13.76
CA MET A 91 -5.88 -14.96 13.85
C MET A 91 -6.92 -13.98 14.37
N VAL A 92 -6.53 -13.25 15.42
CA VAL A 92 -7.39 -12.20 15.96
C VAL A 92 -6.60 -10.90 15.83
N SER A 93 -7.13 -9.95 15.08
CA SER A 93 -6.40 -8.79 14.74
C SER A 93 -7.40 -7.75 14.22
N MET A 94 -6.88 -6.59 13.82
CA MET A 94 -7.74 -5.63 13.08
C MET A 94 -7.04 -5.21 11.81
N VAL A 95 -7.82 -5.23 10.73
CA VAL A 95 -7.42 -4.73 9.42
C VAL A 95 -8.53 -3.77 8.95
N GLY A 96 -8.32 -3.12 7.79
CA GLY A 96 -9.32 -2.21 7.24
C GLY A 96 -10.44 -2.96 6.50
N THR A 97 -11.48 -2.21 6.10
CA THR A 97 -12.45 -2.67 5.16
C THR A 97 -11.89 -2.53 3.74
N ASP A 98 -10.74 -1.88 3.64
CA ASP A 98 -10.03 -1.72 2.38
C ASP A 98 -9.71 -3.08 1.75
N GLY A 99 -9.33 -3.03 0.47
CA GLY A 99 -9.00 -4.21 -0.30
C GLY A 99 -7.76 -4.93 0.25
N ASP A 100 -6.82 -4.16 0.79
CA ASP A 100 -5.63 -4.70 1.46
C ASP A 100 -6.04 -5.63 2.60
N GLY A 101 -7.05 -5.21 3.39
CA GLY A 101 -7.60 -6.02 4.45
C GLY A 101 -8.17 -7.33 3.90
N SER A 102 -8.93 -7.24 2.82
CA SER A 102 -9.53 -8.42 2.18
C SER A 102 -8.43 -9.34 1.65
N ASP A 103 -7.41 -8.75 1.01
CA ASP A 103 -6.26 -9.55 0.52
C ASP A 103 -5.62 -10.33 1.67
N TYR A 104 -5.45 -9.69 2.83
CA TYR A 104 -4.80 -10.36 3.97
C TYR A 104 -5.70 -11.51 4.46
N ILE A 105 -6.99 -11.24 4.55
CA ILE A 105 -7.90 -12.23 5.12
C ILE A 105 -7.87 -13.50 4.25
N LYS A 106 -7.88 -13.31 2.92
CA LYS A 106 -7.79 -14.43 2.01
C LYS A 106 -6.44 -15.16 2.18
N GLU A 107 -5.33 -14.41 2.30
CA GLU A 107 -4.01 -14.96 2.37
C GLU A 107 -3.88 -15.84 3.59
N LEU A 108 -4.53 -15.43 4.68
CA LEU A 108 -4.47 -16.14 5.91
C LEU A 108 -5.14 -17.50 5.71
N GLU A 109 -6.31 -17.48 5.07
CA GLU A 109 -7.07 -18.69 4.83
C GLU A 109 -6.25 -19.67 4.00
N ARG A 110 -5.62 -19.17 2.95
CA ARG A 110 -4.84 -20.01 2.05
C ARG A 110 -3.60 -20.57 2.77
N ASN A 111 -3.27 -20.06 3.97
CA ASN A 111 -2.14 -20.54 4.73
C ASN A 111 -2.60 -21.24 6.01
N GLY A 112 -3.89 -21.57 6.07
CA GLY A 112 -4.41 -22.48 7.04
C GLY A 112 -4.82 -21.78 8.32
N VAL A 113 -5.06 -20.47 8.23
CA VAL A 113 -5.37 -19.66 9.40
C VAL A 113 -6.84 -19.22 9.30
N ASP A 114 -7.58 -19.51 10.37
CA ASP A 114 -9.01 -19.16 10.50
C ASP A 114 -9.11 -17.65 10.72
N THR A 115 -10.09 -17.00 10.07
CA THR A 115 -10.16 -15.55 10.06
C THR A 115 -11.46 -15.03 10.64
N ALA A 116 -12.21 -15.89 11.31
CA ALA A 116 -13.52 -15.51 11.80
C ALA A 116 -13.41 -14.34 12.77
N TYR A 117 -12.29 -14.20 13.49
CA TYR A 117 -12.23 -13.23 14.53
C TYR A 117 -11.29 -12.10 14.12
N MET A 118 -11.02 -12.00 12.82
CA MET A 118 -10.43 -10.82 12.26
C MET A 118 -11.49 -9.69 12.35
N PHE A 119 -11.08 -8.53 12.85
CA PHE A 119 -11.94 -7.37 12.93
C PHE A 119 -11.60 -6.43 11.80
N ARG A 120 -12.59 -5.72 11.27
CA ARG A 120 -12.39 -4.82 10.14
C ARG A 120 -12.97 -3.46 10.55
N THR A 121 -12.16 -2.43 10.35
CA THR A 121 -12.55 -1.07 10.62
C THR A 121 -12.64 -0.30 9.32
N GLY A 122 -13.70 0.51 9.22
CA GLY A 122 -13.86 1.45 8.15
C GLY A 122 -13.13 2.75 8.40
N LYS A 123 -12.52 2.92 9.56
CA LYS A 123 -11.97 4.22 9.93
C LYS A 123 -10.45 4.30 9.73
N SER A 124 -9.82 3.17 9.38
CA SER A 124 -8.38 3.07 9.29
C SER A 124 -8.06 2.13 8.12
N SER A 125 -6.94 2.39 7.48
CA SER A 125 -6.38 1.50 6.53
C SER A 125 -5.84 0.25 7.26
N THR A 126 -5.62 -0.82 6.50
CA THR A 126 -4.93 -1.94 6.98
C THR A 126 -3.51 -1.50 7.34
N GLY A 127 -2.98 -2.04 8.44
CA GLY A 127 -1.61 -1.84 8.80
C GLY A 127 -0.66 -2.25 7.67
N LEU A 128 0.48 -1.59 7.58
CA LEU A 128 1.45 -1.86 6.53
C LEU A 128 2.80 -1.28 6.94
N ALA A 129 3.85 -1.75 6.26
CA ALA A 129 5.17 -1.21 6.37
C ALA A 129 5.57 -0.78 4.96
N MET A 130 6.05 0.46 4.83
CA MET A 130 6.64 0.95 3.60
C MET A 130 8.16 0.78 3.69
N ILE A 131 8.69 -0.07 2.81
CA ILE A 131 10.02 -0.58 2.89
C ILE A 131 10.74 -0.23 1.59
N LEU A 132 11.85 0.49 1.69
CA LEU A 132 12.69 0.77 0.51
C LEU A 132 13.96 -0.03 0.66
N VAL A 133 14.36 -0.71 -0.41
CA VAL A 133 15.47 -1.63 -0.41
C VAL A 133 16.40 -1.20 -1.53
N ASP A 134 17.62 -0.82 -1.16
CA ASP A 134 18.71 -0.63 -2.12
C ASP A 134 19.48 -1.96 -2.19
N THR A 135 19.28 -2.74 -3.26
CA THR A 135 19.97 -4.05 -3.38
C THR A 135 21.49 -3.86 -3.57
N LYS A 136 21.90 -2.84 -4.34
CA LYS A 136 23.34 -2.55 -4.61
C LYS A 136 24.08 -2.42 -3.27
N SER A 137 23.60 -1.53 -2.39
CA SER A 137 24.20 -1.23 -1.09
C SER A 137 23.62 -2.11 0.02
N SER A 138 22.59 -2.93 -0.30
CA SER A 138 21.84 -3.75 0.65
C SER A 138 21.54 -2.97 1.95
N ASN A 139 20.98 -1.77 1.80
CA ASN A 139 20.47 -0.98 2.92
C ASN A 139 18.95 -0.83 2.76
N ASN A 140 18.23 -0.63 3.87
CA ASN A 140 16.78 -0.48 3.87
CA ASN A 140 16.79 -0.44 3.79
C ASN A 140 16.39 0.83 4.55
N GLU A 141 15.19 1.30 4.25
CA GLU A 141 14.52 2.31 5.02
C GLU A 141 13.07 1.84 5.19
N ILE A 142 12.55 1.87 6.42
CA ILE A 142 11.30 1.26 6.70
C ILE A 142 10.49 2.25 7.51
N VAL A 143 9.26 2.50 7.07
CA VAL A 143 8.32 3.30 7.83
C VAL A 143 7.12 2.40 8.14
N ILE A 144 6.89 2.16 9.44
CA ILE A 144 5.86 1.29 9.91
C ILE A 144 4.61 2.11 10.15
N CYS A 145 3.50 1.64 9.57
CA CYS A 145 2.23 2.33 9.58
C CYS A 145 1.16 1.41 10.14
N PRO A 146 1.04 1.33 11.48
CA PRO A 146 0.19 0.31 12.08
C PRO A 146 -1.30 0.47 11.78
N ASN A 147 -1.69 1.72 11.56
CA ASN A 147 -2.97 2.07 10.95
C ASN A 147 -4.07 1.48 11.82
N ALA A 148 -4.92 0.62 11.26
CA ALA A 148 -6.01 -0.05 12.03
C ALA A 148 -5.51 -0.67 13.34
N THR A 149 -4.27 -1.20 13.36
CA THR A 149 -3.73 -1.89 14.52
C THR A 149 -3.76 -0.99 15.77
N ASN A 150 -3.59 0.31 15.58
CA ASN A 150 -3.49 1.25 16.70
C ASN A 150 -4.84 1.36 17.43
N HIS A 151 -5.94 0.91 16.80
CA HIS A 151 -7.27 0.97 17.35
C HIS A 151 -7.77 -0.40 17.84
N PHE A 152 -6.86 -1.37 17.92
CA PHE A 152 -7.15 -2.71 18.35
C PHE A 152 -6.91 -2.74 19.84
N THR A 153 -7.84 -2.14 20.56
CA THR A 153 -7.67 -1.86 21.96
C THR A 153 -8.34 -2.95 22.75
N PRO A 154 -8.07 -3.07 24.08
CA PRO A 154 -8.76 -4.07 24.86
C PRO A 154 -10.27 -3.77 24.90
N GLU A 155 -10.64 -2.48 24.90
CA GLU A 155 -12.05 -2.13 25.06
C GLU A 155 -12.81 -2.59 23.81
N LEU A 156 -12.21 -2.37 22.64
CA LEU A 156 -12.83 -2.77 21.40
CA LEU A 156 -12.79 -2.78 21.36
C LEU A 156 -12.90 -4.30 21.32
N LEU A 157 -11.79 -4.95 21.65
CA LEU A 157 -11.69 -6.42 21.65
C LEU A 157 -12.75 -6.97 22.57
N ARG A 158 -12.82 -6.47 23.81
CA ARG A 158 -13.87 -6.92 24.70
C ARG A 158 -15.27 -6.66 24.11
N ALA A 159 -15.51 -5.47 23.55
CA ALA A 159 -16.87 -5.12 23.03
C ALA A 159 -17.29 -6.11 21.93
N GLN A 160 -16.33 -6.60 21.15
CA GLN A 160 -16.61 -7.41 19.96
C GLN A 160 -16.62 -8.90 20.31
N THR A 161 -16.15 -9.30 21.49
CA THR A 161 -15.98 -10.73 21.83
C THR A 161 -16.72 -11.14 23.11
N ASN A 162 -17.69 -10.32 23.56
CA ASN A 162 -18.37 -10.53 24.82
C ASN A 162 -17.36 -10.74 25.96
N ASN A 163 -16.47 -9.77 26.15
CA ASN A 163 -15.48 -9.82 27.23
C ASN A 163 -14.64 -11.09 27.10
N TYR A 164 -14.19 -11.35 25.86
CA TYR A 164 -13.23 -12.42 25.47
C TYR A 164 -13.87 -13.80 25.38
N GLU A 165 -15.16 -13.93 25.72
CA GLU A 165 -15.83 -15.23 25.73
C GLU A 165 -15.87 -15.85 24.32
N ARG A 166 -16.07 -15.02 23.29
CA ARG A 166 -16.18 -15.48 21.92
C ARG A 166 -14.84 -16.08 21.47
N ILE A 167 -13.70 -15.63 22.01
CA ILE A 167 -12.42 -16.08 21.44
C ILE A 167 -11.68 -17.02 22.38
N LEU A 168 -11.99 -16.98 23.68
CA LEU A 168 -11.34 -17.83 24.66
C LEU A 168 -12.29 -18.95 25.10
N HIS A 169 -12.74 -19.77 24.13
CA HIS A 169 -13.60 -20.93 24.40
CA HIS A 169 -13.56 -20.99 24.31
C HIS A 169 -12.81 -21.99 25.19
N THR A 170 -13.54 -22.80 25.99
CA THR A 170 -12.93 -23.89 26.81
C THR A 170 -11.99 -24.79 26.00
N GLY A 171 -12.28 -25.06 24.73
CA GLY A 171 -11.36 -25.91 23.92
C GLY A 171 -9.96 -25.34 23.68
N LEU A 172 -9.70 -24.07 24.03
CA LEU A 172 -8.51 -23.36 23.52
C LEU A 172 -7.29 -23.74 24.34
N LYS A 173 -6.26 -24.20 23.67
CA LYS A 173 -5.10 -24.69 24.33
C LYS A 173 -4.00 -23.63 24.42
N TYR A 174 -3.85 -22.77 23.39
CA TYR A 174 -2.72 -21.84 23.26
C TYR A 174 -3.17 -20.46 22.77
N LEU A 175 -2.55 -19.44 23.36
CA LEU A 175 -2.63 -18.06 22.93
C LEU A 175 -1.19 -17.68 22.58
N ILE A 176 -0.99 -17.01 21.45
CA ILE A 176 0.27 -16.37 21.13
C ILE A 176 0.03 -14.88 20.96
N CYS A 177 0.85 -14.08 21.67
CA CYS A 177 0.87 -12.64 21.53
C CYS A 177 2.30 -12.20 21.25
N GLN A 178 2.41 -10.99 20.68
CA GLN A 178 3.66 -10.34 20.47
C GLN A 178 3.56 -8.94 21.09
N ASN A 179 4.42 -8.02 20.65
CA ASN A 179 4.43 -6.65 21.15
C ASN A 179 4.22 -5.70 19.96
N GLU A 180 3.35 -6.06 19.00
CA GLU A 180 3.16 -5.26 17.81
C GLU A 180 1.72 -4.75 17.71
N ILE A 181 0.97 -4.74 18.82
CA ILE A 181 -0.35 -4.17 18.90
C ILE A 181 -0.35 -3.38 20.22
N PRO A 182 -1.37 -2.56 20.52
CA PRO A 182 -1.37 -1.79 21.76
C PRO A 182 -1.05 -2.72 22.92
N LEU A 183 -0.09 -2.31 23.76
CA LEU A 183 0.40 -3.19 24.82
C LEU A 183 -0.73 -3.61 25.76
N PRO A 184 -1.70 -2.74 26.11
CA PRO A 184 -2.76 -3.19 27.01
C PRO A 184 -3.55 -4.34 26.38
N THR A 185 -3.67 -4.39 25.05
CA THR A 185 -4.45 -5.44 24.43
C THR A 185 -3.73 -6.78 24.67
N THR A 186 -2.41 -6.77 24.43
CA THR A 186 -1.58 -7.93 24.59
C THR A 186 -1.68 -8.40 26.05
N LEU A 187 -1.43 -7.48 27.00
CA LEU A 187 -1.35 -7.86 28.40
C LEU A 187 -2.70 -8.33 28.92
N ASP A 188 -3.78 -7.63 28.58
CA ASP A 188 -5.10 -8.00 29.10
C ASP A 188 -5.50 -9.36 28.49
N THR A 189 -5.17 -9.57 27.21
CA THR A 189 -5.53 -10.84 26.59
C THR A 189 -4.76 -11.99 27.27
N ILE A 190 -3.48 -11.76 27.57
CA ILE A 190 -2.67 -12.77 28.22
C ILE A 190 -3.30 -13.13 29.57
N LYS A 191 -3.62 -12.09 30.35
CA LYS A 191 -4.10 -12.31 31.72
C LYS A 191 -5.40 -13.12 31.66
N GLU A 192 -6.35 -12.65 30.83
CA GLU A 192 -7.66 -13.35 30.74
CA GLU A 192 -7.66 -13.32 30.68
C GLU A 192 -7.46 -14.79 30.25
N ALA A 193 -6.58 -15.01 29.26
CA ALA A 193 -6.46 -16.35 28.72
C ALA A 193 -5.85 -17.25 29.82
N HIS A 194 -4.83 -16.74 30.49
CA HIS A 194 -4.15 -17.51 31.53
C HIS A 194 -5.14 -17.84 32.65
N SER A 195 -6.03 -16.91 32.98
CA SER A 195 -7.00 -17.13 34.07
C SER A 195 -7.98 -18.25 33.70
N ARG A 196 -8.07 -18.56 32.40
CA ARG A 196 -9.00 -19.60 31.92
C ARG A 196 -8.28 -20.93 31.70
N GLY A 197 -6.97 -20.96 32.00
CA GLY A 197 -6.21 -22.16 31.88
C GLY A 197 -5.69 -22.35 30.47
N VAL A 198 -5.60 -21.27 29.71
CA VAL A 198 -4.95 -21.33 28.41
C VAL A 198 -3.45 -21.16 28.65
N TYR A 199 -2.65 -21.90 27.89
CA TYR A 199 -1.23 -21.76 27.89
C TYR A 199 -0.85 -20.53 27.05
N THR A 200 -0.31 -19.51 27.72
CA THR A 200 -0.02 -18.23 27.09
C THR A 200 1.46 -18.15 26.67
N VAL A 201 1.66 -17.73 25.42
CA VAL A 201 2.93 -17.56 24.81
C VAL A 201 3.11 -16.09 24.43
N PHE A 202 4.17 -15.45 24.92
CA PHE A 202 4.40 -14.05 24.73
C PHE A 202 5.80 -13.88 24.17
N ASN A 203 5.86 -13.46 22.90
CA ASN A 203 7.08 -13.13 22.21
C ASN A 203 7.16 -11.61 22.18
N SER A 204 8.00 -11.03 23.07
CA SER A 204 7.96 -9.58 23.31
C SER A 204 8.75 -8.86 22.22
N ALA A 205 8.23 -8.94 20.98
CA ALA A 205 8.80 -8.32 19.77
C ALA A 205 7.75 -7.46 19.06
N PRO A 206 8.13 -6.30 18.54
CA PRO A 206 9.44 -5.73 18.67
C PRO A 206 9.77 -5.35 20.12
N ALA A 207 11.07 -5.16 20.32
CA ALA A 207 11.69 -4.99 21.60
C ALA A 207 10.94 -3.97 22.45
N PRO A 208 10.57 -4.30 23.70
CA PRO A 208 9.86 -3.35 24.52
C PRO A 208 10.73 -2.14 24.93
N LYS A 209 10.12 -0.96 24.87
CA LYS A 209 10.69 0.27 25.36
C LYS A 209 10.63 0.31 26.89
N PRO A 210 11.45 1.18 27.55
CA PRO A 210 11.56 1.14 29.01
C PRO A 210 10.21 1.20 29.75
N ALA A 211 9.27 2.05 29.32
CA ALA A 211 7.94 2.08 29.98
C ALA A 211 7.13 0.81 29.66
N GLU A 212 7.36 0.17 28.50
CA GLU A 212 6.71 -1.10 28.16
C GLU A 212 7.26 -2.20 29.08
N VAL A 213 8.58 -2.23 29.26
CA VAL A 213 9.16 -3.21 30.16
C VAL A 213 8.49 -3.10 31.53
N GLU A 214 8.35 -1.89 32.06
CA GLU A 214 7.79 -1.70 33.41
C GLU A 214 6.35 -2.26 33.47
N GLN A 215 5.57 -2.10 32.40
CA GLN A 215 4.18 -2.55 32.40
C GLN A 215 4.08 -4.07 32.23
N ILE A 216 5.04 -4.64 31.50
CA ILE A 216 5.07 -6.08 31.23
C ILE A 216 5.36 -6.88 32.51
N LYS A 217 6.33 -6.42 33.30
CA LYS A 217 6.87 -7.26 34.36
C LYS A 217 5.78 -7.77 35.29
N PRO A 218 4.81 -6.96 35.78
CA PRO A 218 3.72 -7.49 36.61
C PRO A 218 2.81 -8.50 35.90
N PHE A 219 2.87 -8.57 34.56
CA PHE A 219 2.05 -9.54 33.86
C PHE A 219 2.75 -10.87 33.64
N LEU A 220 4.05 -10.96 33.95
CA LEU A 220 4.83 -12.12 33.58
C LEU A 220 4.30 -13.35 34.29
N PRO A 221 3.78 -13.29 35.53
CA PRO A 221 3.13 -14.46 36.12
C PRO A 221 1.99 -15.07 35.31
N TYR A 222 1.43 -14.32 34.34
CA TYR A 222 0.33 -14.83 33.52
C TYR A 222 0.84 -15.35 32.17
N VAL A 223 2.16 -15.34 31.97
CA VAL A 223 2.83 -15.83 30.79
C VAL A 223 3.38 -17.24 31.02
N SER A 224 2.72 -18.23 30.41
CA SER A 224 3.15 -19.62 30.49
C SER A 224 4.53 -19.76 29.88
N LEU A 225 4.72 -19.11 28.72
CA LEU A 225 5.93 -19.24 27.96
C LEU A 225 6.36 -17.87 27.45
N PHE A 226 7.51 -17.38 27.94
CA PHE A 226 8.08 -16.16 27.49
C PHE A 226 9.19 -16.50 26.52
N CYS A 227 9.11 -15.99 25.28
CA CYS A 227 10.01 -16.43 24.22
CA CYS A 227 10.05 -16.43 24.25
C CYS A 227 10.73 -15.24 23.56
N PRO A 228 11.59 -14.50 24.27
CA PRO A 228 12.28 -13.36 23.69
C PRO A 228 13.52 -13.75 22.89
N ASN A 229 14.07 -12.78 22.16
CA ASN A 229 15.41 -12.94 21.55
C ASN A 229 16.38 -12.35 22.58
N GLU A 230 17.64 -12.24 22.20
CA GLU A 230 18.64 -11.83 23.20
C GLU A 230 18.42 -10.38 23.62
N VAL A 231 18.19 -9.51 22.64
CA VAL A 231 17.96 -8.07 22.96
C VAL A 231 16.76 -7.95 23.91
N GLU A 232 15.67 -8.65 23.61
CA GLU A 232 14.44 -8.51 24.39
C GLU A 232 14.64 -9.05 25.80
N ALA A 233 15.38 -10.16 25.91
CA ALA A 233 15.65 -10.70 27.25
C ALA A 233 16.48 -9.68 28.05
N THR A 234 17.43 -9.03 27.36
CA THR A 234 18.30 -8.02 27.96
C THR A 234 17.45 -6.91 28.56
N LEU A 235 16.56 -6.35 27.71
CA LEU A 235 15.75 -5.21 28.10
C LEU A 235 14.84 -5.61 29.27
N ILE A 236 14.30 -6.82 29.26
CA ILE A 236 13.30 -7.20 30.28
C ILE A 236 13.96 -7.47 31.64
N THR A 237 15.12 -8.16 31.62
CA THR A 237 15.72 -8.77 32.85
C THR A 237 16.82 -7.89 33.45
N GLY A 238 17.50 -7.13 32.59
CA GLY A 238 18.67 -6.35 32.98
C GLY A 238 19.95 -7.18 32.95
N VAL A 239 19.86 -8.45 32.54
CA VAL A 239 21.01 -9.30 32.23
C VAL A 239 21.43 -9.00 30.79
N LYS A 240 22.71 -8.70 30.57
CA LYS A 240 23.16 -8.43 29.22
C LYS A 240 23.28 -9.76 28.48
N VAL A 241 22.31 -10.09 27.61
CA VAL A 241 22.32 -11.41 27.00
C VAL A 241 23.03 -11.32 25.67
N THR A 242 24.12 -12.11 25.52
CA THR A 242 25.00 -12.09 24.33
C THR A 242 25.38 -13.51 23.89
N ASP A 243 25.02 -14.51 24.70
CA ASP A 243 25.57 -15.82 24.56
C ASP A 243 24.82 -16.78 25.47
N THR A 244 25.22 -18.06 25.41
CA THR A 244 24.50 -19.10 26.09
C THR A 244 24.48 -18.84 27.60
N GLU A 245 25.63 -18.53 28.20
CA GLU A 245 25.72 -18.45 29.67
C GLU A 245 24.87 -17.26 30.14
N SER A 246 24.93 -16.13 29.44
CA SER A 246 24.13 -14.95 29.83
C SER A 246 22.63 -15.20 29.57
N ALA A 247 22.32 -15.95 28.50
CA ALA A 247 20.96 -16.36 28.24
C ALA A 247 20.47 -17.22 29.39
N PHE A 248 21.30 -18.14 29.91
CA PHE A 248 20.87 -18.95 31.06
C PHE A 248 20.59 -18.04 32.27
N SER A 249 21.36 -16.96 32.45
CA SER A 249 21.13 -16.06 33.62
C SER A 249 19.78 -15.35 33.44
N ALA A 250 19.54 -14.94 32.19
CA ALA A 250 18.28 -14.27 31.82
C ALA A 250 17.10 -15.19 32.15
N ILE A 251 17.20 -16.47 31.76
CA ILE A 251 16.17 -17.44 32.10
C ILE A 251 15.84 -17.36 33.59
N LYS A 252 16.88 -17.29 34.43
CA LYS A 252 16.69 -17.32 35.88
C LYS A 252 15.89 -16.10 36.33
N ALA A 253 16.32 -14.92 35.87
CA ALA A 253 15.62 -13.65 36.19
C ALA A 253 14.14 -13.75 35.77
N LEU A 254 13.89 -14.36 34.59
CA LEU A 254 12.54 -14.48 34.05
C LEU A 254 11.71 -15.42 34.91
N GLN A 255 12.29 -16.52 35.38
CA GLN A 255 11.59 -17.43 36.33
C GLN A 255 11.29 -16.69 37.64
N GLN A 256 12.21 -15.85 38.11
CA GLN A 256 11.99 -15.06 39.33
C GLN A 256 10.80 -14.08 39.17
N LEU A 257 10.54 -13.65 37.93
CA LEU A 257 9.44 -12.70 37.65
C LEU A 257 8.11 -13.44 37.43
N GLY A 258 8.16 -14.79 37.45
CA GLY A 258 7.01 -15.67 37.56
C GLY A 258 6.69 -16.40 36.24
N VAL A 259 7.60 -16.37 35.28
CA VAL A 259 7.40 -17.08 34.04
C VAL A 259 7.66 -18.56 34.30
N ARG A 260 6.73 -19.41 33.84
CA ARG A 260 6.80 -20.84 34.03
C ARG A 260 7.88 -21.43 33.13
N ASP A 261 7.70 -21.27 31.81
CA ASP A 261 8.58 -21.76 30.77
C ASP A 261 9.28 -20.58 30.12
N VAL A 262 10.60 -20.71 29.90
CA VAL A 262 11.33 -19.71 29.20
C VAL A 262 12.08 -20.31 28.02
N VAL A 263 11.95 -19.65 26.86
CA VAL A 263 12.77 -19.95 25.67
C VAL A 263 13.40 -18.63 25.23
N ILE A 264 14.73 -18.59 25.08
CA ILE A 264 15.37 -17.45 24.53
C ILE A 264 16.02 -17.91 23.22
N THR A 265 15.62 -17.32 22.09
CA THR A 265 16.23 -17.61 20.81
C THR A 265 17.53 -16.83 20.70
N LEU A 266 18.52 -17.43 20.02
CA LEU A 266 19.90 -16.85 19.94
C LEU A 266 20.35 -16.81 18.47
N GLY A 267 19.42 -16.62 17.55
CA GLY A 267 19.77 -16.60 16.15
C GLY A 267 20.54 -17.85 15.74
N ALA A 268 21.71 -17.66 15.10
CA ALA A 268 22.53 -18.75 14.60
C ALA A 268 22.95 -19.65 15.77
N ALA A 269 22.97 -19.13 17.00
CA ALA A 269 23.34 -19.96 18.16
C ALA A 269 22.14 -20.78 18.69
N GLY A 270 20.96 -20.73 18.05
CA GLY A 270 19.89 -21.67 18.37
C GLY A 270 18.96 -21.10 19.42
N PHE A 271 18.79 -21.82 20.52
CA PHE A 271 17.97 -21.37 21.60
C PHE A 271 18.42 -21.96 22.93
N VAL A 272 18.00 -21.35 24.02
CA VAL A 272 18.08 -21.93 25.34
C VAL A 272 16.67 -22.01 25.89
N LEU A 273 16.43 -23.02 26.72
CA LEU A 273 15.18 -23.10 27.41
C LEU A 273 15.31 -23.76 28.78
N SER A 274 14.33 -23.46 29.63
CA SER A 274 14.01 -24.21 30.78
C SER A 274 12.51 -24.47 30.81
N GLU A 275 12.11 -25.76 30.87
CA GLU A 275 10.75 -26.20 31.13
CA GLU A 275 10.72 -26.16 31.12
C GLU A 275 10.51 -26.17 32.64
N ASN A 276 9.68 -25.23 33.10
CA ASN A 276 9.14 -25.17 34.46
C ASN A 276 10.24 -25.29 35.54
N GLY A 277 11.30 -24.49 35.43
CA GLY A 277 12.38 -24.43 36.43
C GLY A 277 13.43 -25.54 36.32
N ALA A 278 13.22 -26.56 35.45
CA ALA A 278 14.19 -27.65 35.26
C ALA A 278 15.52 -27.08 34.75
N GLU A 279 16.56 -27.94 34.73
CA GLU A 279 17.90 -27.58 34.30
C GLU A 279 17.71 -26.91 32.94
N PRO A 280 18.25 -25.68 32.71
CA PRO A 280 18.24 -25.08 31.38
C PRO A 280 19.07 -25.87 30.37
N VAL A 281 18.62 -25.80 29.12
CA VAL A 281 19.22 -26.55 28.01
C VAL A 281 19.55 -25.56 26.89
N HIS A 282 20.66 -25.81 26.21
CA HIS A 282 21.08 -25.10 25.00
C HIS A 282 21.03 -26.06 23.82
N VAL A 283 20.47 -25.60 22.70
CA VAL A 283 20.47 -26.37 21.45
C VAL A 283 20.97 -25.40 20.41
N THR A 284 22.02 -25.80 19.70
CA THR A 284 22.67 -24.89 18.80
C THR A 284 21.83 -24.76 17.52
N GLY A 285 22.13 -23.72 16.77
CA GLY A 285 21.54 -23.47 15.48
C GLY A 285 21.93 -24.51 14.45
N LYS A 286 21.02 -24.77 13.52
CA LYS A 286 21.35 -25.62 12.38
C LYS A 286 22.40 -24.91 11.55
N HIS A 287 23.26 -25.70 10.92
CA HIS A 287 24.30 -25.17 10.04
C HIS A 287 23.72 -25.08 8.63
N VAL A 288 23.29 -23.88 8.25
CA VAL A 288 22.64 -23.65 6.97
C VAL A 288 23.22 -22.36 6.37
N LYS A 289 23.04 -22.19 5.06
CA LYS A 289 23.42 -20.98 4.35
C LYS A 289 22.34 -19.91 4.57
N ALA A 290 22.59 -18.98 5.49
CA ALA A 290 21.68 -17.89 5.80
C ALA A 290 21.67 -16.93 4.60
N VAL A 291 20.52 -16.81 3.97
CA VAL A 291 20.28 -15.92 2.85
C VAL A 291 19.48 -14.71 3.35
N ASP A 292 18.55 -14.94 4.27
CA ASP A 292 17.60 -13.91 4.70
C ASP A 292 16.87 -14.44 5.91
N THR A 293 17.16 -13.86 7.07
CA THR A 293 16.64 -14.32 8.31
C THR A 293 15.34 -13.58 8.67
N THR A 294 14.91 -12.64 7.81
CA THR A 294 13.65 -11.91 8.08
C THR A 294 12.51 -12.90 8.40
N GLY A 295 11.94 -12.70 9.59
CA GLY A 295 10.80 -13.43 10.07
C GLY A 295 11.14 -14.81 10.64
N ALA A 296 12.43 -15.15 10.77
CA ALA A 296 12.85 -16.43 11.23
C ALA A 296 12.32 -16.63 12.64
N GLY A 297 12.39 -15.60 13.47
CA GLY A 297 11.89 -15.65 14.85
C GLY A 297 10.41 -15.99 14.92
N ASP A 298 9.63 -15.31 14.07
CA ASP A 298 8.18 -15.58 14.00
C ASP A 298 7.95 -17.04 13.60
N CYS A 299 8.70 -17.52 12.63
CA CYS A 299 8.62 -18.91 12.20
C CYS A 299 8.88 -19.87 13.39
N PHE A 300 9.95 -19.59 14.13
CA PHE A 300 10.29 -20.34 15.33
C PHE A 300 9.12 -20.38 16.32
N VAL A 301 8.58 -19.20 16.66
CA VAL A 301 7.52 -19.12 17.65
C VAL A 301 6.27 -19.86 17.17
N GLY A 302 5.82 -19.59 15.94
CA GLY A 302 4.63 -20.22 15.44
C GLY A 302 4.75 -21.73 15.34
N SER A 303 5.88 -22.21 14.79
CA SER A 303 6.17 -23.63 14.66
CA SER A 303 6.09 -23.63 14.66
C SER A 303 6.22 -24.28 16.03
N MET A 304 6.94 -23.65 16.96
CA MET A 304 7.06 -24.15 18.35
C MET A 304 5.68 -24.47 18.91
N VAL A 305 4.75 -23.52 18.81
CA VAL A 305 3.46 -23.70 19.37
C VAL A 305 2.67 -24.77 18.62
N TYR A 306 2.81 -24.85 17.29
CA TYR A 306 2.13 -25.93 16.59
C TYR A 306 2.57 -27.30 17.17
N PHE A 307 3.87 -27.49 17.29
CA PHE A 307 4.43 -28.76 17.80
C PHE A 307 3.94 -29.04 19.22
N MET A 308 3.79 -28.00 20.04
CA MET A 308 3.20 -28.20 21.37
C MET A 308 1.74 -28.62 21.24
N SER A 309 0.99 -28.05 20.28
CA SER A 309 -0.41 -28.46 20.11
C SER A 309 -0.49 -29.92 19.60
N ARG A 310 0.56 -30.42 18.95
CA ARG A 310 0.60 -31.84 18.50
C ARG A 310 1.03 -32.77 19.65
N GLY A 311 1.39 -32.21 20.81
CA GLY A 311 1.68 -32.96 22.01
C GLY A 311 3.16 -33.11 22.28
N ARG A 312 4.02 -32.33 21.60
CA ARG A 312 5.40 -32.31 21.89
C ARG A 312 5.60 -31.49 23.16
N ASN A 313 6.61 -31.87 23.97
CA ASN A 313 6.94 -31.07 25.15
C ASN A 313 7.75 -29.89 24.63
N LEU A 314 8.04 -28.94 25.51
CA LEU A 314 8.69 -27.69 25.14
C LEU A 314 9.99 -27.97 24.39
N LEU A 315 10.80 -28.88 24.94
CA LEU A 315 12.11 -29.09 24.34
C LEU A 315 11.95 -29.69 22.93
N GLU A 316 11.15 -30.75 22.81
CA GLU A 316 10.88 -31.41 21.50
C GLU A 316 10.36 -30.39 20.50
N ALA A 317 9.46 -29.54 21.00
CA ALA A 317 8.77 -28.50 20.20
C ALA A 317 9.80 -27.47 19.73
N CYS A 318 10.72 -27.06 20.63
CA CYS A 318 11.68 -26.02 20.22
C CYS A 318 12.73 -26.59 19.29
N LYS A 319 13.13 -27.85 19.48
CA LYS A 319 14.11 -28.42 18.56
C LYS A 319 13.53 -28.41 17.14
N ARG A 320 12.25 -28.73 17.03
CA ARG A 320 11.60 -28.82 15.72
C ARG A 320 11.40 -27.42 15.15
N ALA A 321 11.01 -26.47 16.02
CA ALA A 321 10.91 -25.02 15.63
C ALA A 321 12.26 -24.53 15.13
N ASN A 322 13.34 -24.94 15.83
CA ASN A 322 14.69 -24.50 15.49
C ASN A 322 15.00 -24.99 14.06
N GLU A 323 14.57 -26.21 13.72
CA GLU A 323 14.78 -26.77 12.36
C GLU A 323 13.94 -25.99 11.33
N CYS A 324 12.68 -25.72 11.65
CA CYS A 324 11.79 -24.94 10.77
C CYS A 324 12.38 -23.55 10.50
N ALA A 325 12.81 -22.84 11.56
CA ALA A 325 13.35 -21.49 11.46
C ALA A 325 14.66 -21.51 10.65
N ALA A 326 15.48 -22.55 10.84
CA ALA A 326 16.65 -22.77 10.02
C ALA A 326 16.29 -22.94 8.53
N ILE A 327 15.27 -23.74 8.20
CA ILE A 327 14.86 -23.83 6.77
C ILE A 327 14.48 -22.44 6.26
N SER A 328 13.75 -21.68 7.07
CA SER A 328 13.24 -20.34 6.64
C SER A 328 14.40 -19.40 6.30
N VAL A 329 15.51 -19.54 7.03
CA VAL A 329 16.64 -18.66 6.95
C VAL A 329 17.34 -18.85 5.57
N THR A 330 17.09 -19.99 4.94
CA THR A 330 17.75 -20.32 3.67
C THR A 330 17.04 -19.72 2.44
N ARG A 331 15.95 -19.00 2.63
CA ARG A 331 15.21 -18.40 1.50
C ARG A 331 14.75 -17.00 1.92
N LYS A 332 14.59 -16.11 0.93
CA LYS A 332 13.99 -14.77 1.11
C LYS A 332 12.47 -14.93 1.22
N GLY A 333 11.80 -13.89 1.72
CA GLY A 333 10.37 -13.69 1.47
C GLY A 333 9.53 -13.78 2.73
N THR A 334 10.19 -13.89 3.90
CA THR A 334 9.51 -13.91 5.19
C THR A 334 8.52 -15.06 5.15
N GLN A 335 7.21 -14.79 5.04
CA GLN A 335 6.24 -15.91 5.10
C GLN A 335 6.49 -16.91 3.96
N LEU A 336 6.95 -16.42 2.82
CA LEU A 336 7.22 -17.28 1.66
C LEU A 336 8.32 -18.30 1.97
N SER A 337 9.17 -18.01 2.94
CA SER A 337 10.26 -18.96 3.32
C SER A 337 9.88 -19.97 4.41
N TYR A 338 8.67 -19.86 4.97
CA TYR A 338 8.28 -20.74 6.05
C TYR A 338 7.96 -22.11 5.48
N PRO A 339 8.46 -23.20 6.11
CA PRO A 339 8.31 -24.52 5.49
C PRO A 339 6.91 -25.12 5.57
N HIS A 340 6.59 -25.97 4.57
CA HIS A 340 5.48 -26.88 4.61
CA HIS A 340 5.48 -26.87 4.65
C HIS A 340 5.99 -28.21 5.18
N PRO A 341 5.11 -29.08 5.70
CA PRO A 341 5.52 -30.39 6.22
C PRO A 341 6.42 -31.28 5.33
N SER A 342 6.18 -31.29 4.02
CA SER A 342 6.97 -32.08 3.08
C SER A 342 8.46 -31.80 3.19
N GLU A 343 8.85 -30.56 3.54
CA GLU A 343 10.24 -30.12 3.53
C GLU A 343 10.98 -30.56 4.79
N LEU A 344 10.27 -31.03 5.80
CA LEU A 344 10.89 -31.28 7.06
C LEU A 344 11.49 -32.68 7.05
N PRO A 345 12.69 -32.85 7.64
CA PRO A 345 13.22 -34.19 7.88
C PRO A 345 12.29 -35.13 8.68
N ALA A 346 12.53 -36.43 8.52
CA ALA A 346 11.72 -37.42 9.17
C ALA A 346 11.77 -37.19 10.68
N GLY A 347 10.63 -37.34 11.36
CA GLY A 347 10.59 -37.24 12.83
C GLY A 347 10.27 -35.84 13.35
N VAL A 348 10.30 -34.82 12.49
CA VAL A 348 10.02 -33.44 12.95
C VAL A 348 8.51 -33.28 13.18
N MET A 349 7.73 -33.57 12.14
CA MET A 349 6.24 -33.47 12.20
C MET A 349 5.67 -34.37 13.30
N ARG B 23 -17.76 -8.97 -10.20
CA ARG B 23 -17.35 -7.81 -11.08
C ARG B 23 -17.70 -6.50 -10.37
N ALA B 24 -16.67 -5.76 -9.95
CA ALA B 24 -16.84 -4.38 -9.48
C ALA B 24 -17.01 -3.44 -10.70
N ARG B 25 -16.43 -3.81 -11.84
CA ARG B 25 -16.38 -2.94 -12.99
C ARG B 25 -17.76 -2.78 -13.61
N ASN B 26 -17.97 -1.63 -14.27
CA ASN B 26 -19.15 -1.42 -15.10
C ASN B 26 -19.14 -2.43 -16.25
N VAL B 27 -20.33 -2.63 -16.87
CA VAL B 27 -20.54 -3.39 -18.09
C VAL B 27 -21.16 -2.48 -19.17
N ARG B 28 -20.61 -2.54 -20.39
CA ARG B 28 -21.20 -1.89 -21.58
C ARG B 28 -22.55 -2.56 -21.93
N SER B 29 -23.38 -1.83 -22.68
CA SER B 29 -24.56 -2.39 -23.37
C SER B 29 -24.20 -2.83 -24.80
N HIS B 30 -25.05 -3.65 -25.43
CA HIS B 30 -24.90 -4.05 -26.85
C HIS B 30 -25.21 -2.87 -27.79
N THR B 31 -25.94 -1.86 -27.30
CA THR B 31 -26.45 -0.75 -28.12
C THR B 31 -25.63 0.54 -27.91
N GLY B 32 -24.51 0.47 -27.18
CA GLY B 32 -23.66 1.63 -26.82
C GLY B 32 -24.39 2.74 -26.04
N GLU B 33 -25.45 2.41 -25.29
CA GLU B 33 -26.29 3.46 -24.68
C GLU B 33 -25.55 4.20 -23.55
N TYR B 34 -24.46 3.62 -23.04
CA TYR B 34 -23.67 4.23 -21.95
C TYR B 34 -22.30 4.68 -22.42
N ALA B 35 -22.04 4.62 -23.73
CA ALA B 35 -20.75 4.99 -24.30
C ALA B 35 -20.40 6.41 -23.88
N PRO B 36 -19.14 6.63 -23.48
CA PRO B 36 -18.75 7.92 -22.88
C PRO B 36 -18.52 9.01 -23.93
N ASP B 37 -18.51 10.28 -23.50
CA ASP B 37 -18.12 11.47 -24.27
C ASP B 37 -16.62 11.68 -24.21
N ILE B 38 -16.03 11.26 -23.09
CA ILE B 38 -14.63 11.49 -22.80
C ILE B 38 -14.03 10.15 -22.39
N LEU B 39 -12.92 9.78 -23.04
CA LEU B 39 -12.15 8.61 -22.72
C LEU B 39 -10.82 9.07 -22.13
N VAL B 40 -10.42 8.53 -20.94
CA VAL B 40 -9.12 8.80 -20.35
C VAL B 40 -8.31 7.52 -20.42
N VAL B 41 -7.17 7.55 -21.11
CA VAL B 41 -6.29 6.44 -21.25
C VAL B 41 -5.01 6.81 -20.52
N GLY B 42 -4.86 6.30 -19.30
CA GLY B 42 -3.74 6.66 -18.47
C GLY B 42 -3.71 5.87 -17.20
N SER B 43 -3.10 6.47 -16.20
CA SER B 43 -2.58 5.79 -15.02
C SER B 43 -3.60 5.86 -13.88
N CYS B 44 -3.61 4.78 -13.10
CA CYS B 44 -4.25 4.76 -11.77
C CYS B 44 -3.23 4.27 -10.75
N PHE B 45 -2.90 5.12 -9.77
CA PHE B 45 -1.95 4.80 -8.71
C PHE B 45 -2.61 5.00 -7.35
N LEU B 46 -2.53 4.01 -6.46
CA LEU B 46 -2.86 4.29 -5.07
C LEU B 46 -1.71 5.09 -4.44
N ASP B 47 -2.06 6.05 -3.59
CA ASP B 47 -1.10 6.83 -2.91
C ASP B 47 -1.07 6.37 -1.46
N TYR B 48 0.09 5.82 -1.06
CA TYR B 48 0.36 5.39 0.26
C TYR B 48 1.11 6.51 0.96
N VAL B 49 0.39 7.30 1.78
CA VAL B 49 1.01 8.48 2.32
C VAL B 49 1.30 8.32 3.81
N GLY B 50 2.59 8.22 4.12
CA GLY B 50 3.11 8.08 5.44
C GLY B 50 3.65 9.40 5.92
N TYR B 51 3.04 9.95 6.97
CA TYR B 51 3.47 11.23 7.59
C TYR B 51 4.49 10.88 8.67
N VAL B 52 5.66 11.51 8.58
CA VAL B 52 6.81 11.15 9.40
C VAL B 52 7.35 12.40 10.12
N ASP B 53 7.87 12.17 11.32
CA ASP B 53 8.56 13.16 12.14
C ASP B 53 9.82 13.68 11.41
N HIS B 54 10.47 12.80 10.66
CA HIS B 54 11.63 13.13 9.86
C HIS B 54 11.69 12.11 8.73
N MET B 55 12.40 12.45 7.64
CA MET B 55 12.66 11.50 6.61
C MET B 55 13.58 10.42 7.16
N PRO B 56 13.35 9.12 6.84
CA PRO B 56 14.22 8.08 7.39
C PRO B 56 15.64 8.24 6.81
N GLN B 57 16.63 7.98 7.65
CA GLN B 57 18.03 7.92 7.25
C GLN B 57 18.28 6.54 6.70
N VAL B 58 19.43 6.35 6.01
CA VAL B 58 19.78 5.04 5.49
C VAL B 58 19.81 4.07 6.66
N GLY B 59 19.12 2.95 6.53
CA GLY B 59 19.16 1.89 7.56
C GLY B 59 18.12 2.08 8.67
N GLU B 60 17.36 3.17 8.65
CA GLU B 60 16.44 3.47 9.75
C GLU B 60 15.09 2.74 9.57
N THR B 61 14.59 2.19 10.67
CA THR B 61 13.20 1.78 10.82
C THR B 61 12.53 2.76 11.77
N MET B 62 11.40 3.34 11.35
CA MET B 62 10.65 4.29 12.18
C MET B 62 9.15 4.04 12.01
N HIS B 63 8.34 4.63 12.88
CA HIS B 63 6.91 4.65 12.74
C HIS B 63 6.52 5.96 12.07
N SER B 64 5.45 5.93 11.28
CA SER B 64 4.76 7.10 10.87
C SER B 64 4.07 7.73 12.09
N VAL B 65 3.70 9.00 11.96
CA VAL B 65 2.83 9.63 12.94
C VAL B 65 1.38 9.40 12.52
N SER B 66 1.13 9.36 11.21
CA SER B 66 -0.19 8.93 10.72
C SER B 66 -0.03 8.49 9.28
N PHE B 67 -1.14 8.04 8.71
CA PHE B 67 -1.10 7.49 7.41
C PHE B 67 -2.38 7.89 6.69
N HIS B 68 -2.30 8.02 5.37
CA HIS B 68 -3.45 8.36 4.59
C HIS B 68 -3.38 7.57 3.27
N LYS B 69 -4.46 6.87 2.95
CA LYS B 69 -4.60 6.17 1.70
C LYS B 69 -5.38 7.04 0.74
N GLY B 70 -4.78 7.35 -0.41
CA GLY B 70 -5.39 8.21 -1.40
C GLY B 70 -5.42 7.56 -2.79
N PHE B 71 -6.25 8.11 -3.64
CA PHE B 71 -6.40 7.67 -5.04
C PHE B 71 -5.76 8.68 -6.00
N GLY B 72 -4.73 8.23 -6.71
CA GLY B 72 -3.93 9.08 -7.52
C GLY B 72 -3.67 8.44 -8.86
N GLY B 73 -2.57 8.83 -9.45
CA GLY B 73 -2.36 8.63 -10.89
C GLY B 73 -2.97 9.81 -11.62
N LYS B 74 -2.20 10.42 -12.52
CA LYS B 74 -2.70 11.59 -13.28
C LYS B 74 -3.92 11.26 -14.13
N GLY B 75 -3.93 10.07 -14.74
CA GLY B 75 -5.02 9.60 -15.51
C GLY B 75 -6.32 9.59 -14.71
N ALA B 76 -6.36 8.80 -13.65
CA ALA B 76 -7.52 8.73 -12.79
C ALA B 76 -7.86 10.12 -12.27
N ASN B 77 -6.84 10.88 -11.89
CA ASN B 77 -7.08 12.18 -11.32
C ASN B 77 -7.90 13.03 -12.30
N GLN B 78 -7.51 13.02 -13.57
CA GLN B 78 -8.18 13.80 -14.59
C GLN B 78 -9.59 13.27 -14.84
N ALA B 79 -9.75 11.95 -14.89
CA ALA B 79 -11.05 11.36 -15.09
C ALA B 79 -11.97 11.75 -13.93
N VAL B 80 -11.43 11.71 -12.72
CA VAL B 80 -12.21 12.03 -11.51
C VAL B 80 -12.57 13.53 -11.46
N ALA B 81 -11.63 14.40 -11.85
CA ALA B 81 -11.96 15.85 -11.95
C ALA B 81 -13.20 16.02 -12.86
N ALA B 82 -13.21 15.35 -14.02
CA ALA B 82 -14.29 15.47 -14.97
C ALA B 82 -15.56 14.80 -14.44
N GLY B 83 -15.40 13.57 -13.93
CA GLY B 83 -16.48 12.79 -13.39
C GLY B 83 -17.22 13.51 -12.26
N ARG B 84 -16.49 14.17 -11.38
CA ARG B 84 -17.10 14.88 -10.24
C ARG B 84 -18.04 16.00 -10.76
N LEU B 85 -17.77 16.53 -11.96
CA LEU B 85 -18.55 17.70 -12.50
C LEU B 85 -19.70 17.19 -13.36
N GLY B 86 -19.76 15.87 -13.53
CA GLY B 86 -20.83 15.15 -14.16
C GLY B 86 -20.47 14.61 -15.52
N ALA B 87 -19.19 14.55 -15.84
CA ALA B 87 -18.75 14.13 -17.22
C ALA B 87 -19.18 12.68 -17.47
N LYS B 88 -19.53 12.41 -18.74
CA LYS B 88 -19.72 11.05 -19.25
C LYS B 88 -18.34 10.55 -19.64
N VAL B 89 -17.56 10.22 -18.62
CA VAL B 89 -16.16 9.88 -18.77
C VAL B 89 -15.94 8.40 -18.42
N ALA B 90 -15.03 7.78 -19.14
CA ALA B 90 -14.64 6.37 -18.92
C ALA B 90 -13.13 6.31 -18.77
N MET B 91 -12.66 5.47 -17.85
CA MET B 91 -11.25 5.33 -17.58
C MET B 91 -10.74 4.06 -18.23
N VAL B 92 -9.66 4.17 -18.99
CA VAL B 92 -9.01 3.01 -19.53
C VAL B 92 -7.64 2.93 -18.90
N SER B 93 -7.37 1.82 -18.21
CA SER B 93 -6.13 1.69 -17.49
C SER B 93 -5.89 0.22 -17.15
N MET B 94 -4.80 -0.04 -16.44
CA MET B 94 -4.54 -1.38 -15.95
CA MET B 94 -4.50 -1.38 -15.97
C MET B 94 -4.25 -1.30 -14.46
N VAL B 95 -4.97 -2.16 -13.72
CA VAL B 95 -4.78 -2.34 -12.31
C VAL B 95 -4.65 -3.82 -12.02
N GLY B 96 -4.40 -4.16 -10.77
CA GLY B 96 -4.26 -5.59 -10.39
C GLY B 96 -5.61 -6.23 -10.14
N THR B 97 -5.60 -7.56 -9.93
CA THR B 97 -6.78 -8.21 -9.45
C THR B 97 -6.81 -8.10 -7.93
N ASP B 98 -5.85 -7.41 -7.36
CA ASP B 98 -5.75 -7.27 -5.92
C ASP B 98 -6.86 -6.33 -5.37
N GLY B 99 -6.94 -6.23 -4.04
CA GLY B 99 -7.88 -5.38 -3.40
C GLY B 99 -7.73 -3.88 -3.72
N ASP B 100 -6.51 -3.41 -3.86
CA ASP B 100 -6.27 -2.04 -4.32
C ASP B 100 -6.94 -1.77 -5.67
N GLY B 101 -6.82 -2.71 -6.59
CA GLY B 101 -7.48 -2.66 -7.88
C GLY B 101 -8.97 -2.54 -7.69
N SER B 102 -9.54 -3.37 -6.81
CA SER B 102 -10.96 -3.40 -6.66
C SER B 102 -11.42 -2.09 -6.02
N ASP B 103 -10.65 -1.61 -5.04
CA ASP B 103 -10.93 -0.34 -4.41
C ASP B 103 -10.94 0.81 -5.42
N TYR B 104 -9.98 0.79 -6.36
CA TYR B 104 -9.89 1.87 -7.34
C TYR B 104 -11.12 1.81 -8.22
N ILE B 105 -11.46 0.60 -8.71
CA ILE B 105 -12.59 0.48 -9.59
C ILE B 105 -13.86 1.06 -8.95
N LYS B 106 -14.15 0.71 -7.69
CA LYS B 106 -15.32 1.26 -7.01
C LYS B 106 -15.22 2.79 -6.81
N GLU B 107 -14.03 3.31 -6.48
CA GLU B 107 -13.84 4.72 -6.20
C GLU B 107 -14.12 5.48 -7.48
N LEU B 108 -13.69 4.93 -8.61
CA LEU B 108 -13.93 5.61 -9.86
C LEU B 108 -15.43 5.76 -10.09
N GLU B 109 -16.17 4.68 -9.87
CA GLU B 109 -17.59 4.68 -10.08
C GLU B 109 -18.23 5.72 -9.17
N ARG B 110 -17.74 5.82 -7.92
CA ARG B 110 -18.30 6.78 -6.93
C ARG B 110 -17.96 8.24 -7.28
N ASN B 111 -17.08 8.42 -8.28
CA ASN B 111 -16.67 9.72 -8.76
C ASN B 111 -17.18 9.96 -10.18
N GLY B 112 -18.11 9.13 -10.64
CA GLY B 112 -18.81 9.31 -11.94
C GLY B 112 -18.00 8.88 -13.16
N VAL B 113 -17.05 7.94 -12.98
CA VAL B 113 -16.21 7.44 -14.04
C VAL B 113 -16.59 5.99 -14.33
N ASP B 114 -16.83 5.70 -15.62
CA ASP B 114 -17.17 4.38 -16.08
C ASP B 114 -15.90 3.53 -16.04
N THR B 115 -16.02 2.29 -15.60
CA THR B 115 -14.85 1.44 -15.41
C THR B 115 -14.88 0.21 -16.32
N ALA B 116 -15.77 0.17 -17.31
CA ALA B 116 -15.87 -1.03 -18.13
C ALA B 116 -14.53 -1.36 -18.81
N TYR B 117 -13.67 -0.36 -19.08
CA TYR B 117 -12.41 -0.65 -19.78
C TYR B 117 -11.21 -0.51 -18.83
N MET B 118 -11.42 -0.75 -17.53
CA MET B 118 -10.34 -0.94 -16.64
C MET B 118 -9.88 -2.39 -16.79
N PHE B 119 -8.64 -2.62 -17.23
CA PHE B 119 -8.11 -3.95 -17.34
C PHE B 119 -7.49 -4.34 -16.01
N ARG B 120 -7.55 -5.65 -15.71
CA ARG B 120 -6.99 -6.17 -14.48
C ARG B 120 -6.03 -7.31 -14.82
N THR B 121 -4.89 -7.34 -14.17
CA THR B 121 -3.91 -8.43 -14.30
C THR B 121 -3.66 -9.07 -12.94
N GLY B 122 -3.65 -10.41 -12.90
CA GLY B 122 -3.33 -11.15 -11.69
C GLY B 122 -1.83 -11.27 -11.46
N LYS B 123 -1.00 -10.78 -12.40
CA LYS B 123 0.47 -10.96 -12.33
C LYS B 123 1.19 -9.77 -11.70
N SER B 124 0.48 -8.69 -11.40
CA SER B 124 1.05 -7.45 -10.99
C SER B 124 0.12 -6.83 -9.96
N SER B 125 0.69 -6.16 -8.97
CA SER B 125 -0.05 -5.34 -8.06
C SER B 125 -0.54 -4.11 -8.83
N THR B 126 -1.57 -3.48 -8.28
CA THR B 126 -1.98 -2.19 -8.70
C THR B 126 -0.83 -1.21 -8.49
N GLY B 127 -0.69 -0.28 -9.43
CA GLY B 127 0.30 0.73 -9.35
C GLY B 127 0.10 1.58 -8.11
N LEU B 128 1.20 2.08 -7.56
CA LEU B 128 1.09 2.87 -6.33
C LEU B 128 2.30 3.79 -6.18
N ALA B 129 2.12 4.83 -5.38
CA ALA B 129 3.18 5.69 -5.01
C ALA B 129 3.35 5.59 -3.50
N MET B 130 4.59 5.37 -3.08
CA MET B 130 4.91 5.40 -1.67
CA MET B 130 4.97 5.38 -1.68
C MET B 130 5.48 6.79 -1.35
N ILE B 131 4.74 7.54 -0.53
CA ILE B 131 4.89 8.98 -0.37
C ILE B 131 5.13 9.23 1.12
N LEU B 132 6.28 9.81 1.45
CA LEU B 132 6.53 10.18 2.82
C LEU B 132 6.43 11.70 2.89
N VAL B 133 5.81 12.20 3.94
CA VAL B 133 5.57 13.64 4.10
C VAL B 133 6.04 14.02 5.51
N ASP B 134 6.99 14.96 5.57
CA ASP B 134 7.37 15.62 6.79
C ASP B 134 6.53 16.89 6.93
N THR B 135 5.57 16.92 7.85
CA THR B 135 4.67 18.08 7.96
C THR B 135 5.47 19.31 8.43
N LYS B 136 6.26 19.15 9.50
CA LYS B 136 7.18 20.19 9.95
C LYS B 136 7.71 20.94 8.72
N SER B 137 8.51 20.26 7.89
CA SER B 137 9.22 20.86 6.74
C SER B 137 8.36 20.88 5.47
N SER B 138 7.20 20.20 5.46
CA SER B 138 6.26 19.97 4.31
C SER B 138 6.97 19.29 3.11
N ASN B 139 8.24 18.92 3.29
CA ASN B 139 9.00 18.12 2.33
C ASN B 139 8.37 16.73 2.16
N ASN B 140 8.64 16.12 1.00
CA ASN B 140 8.13 14.81 0.61
CA ASN B 140 8.21 14.77 0.78
C ASN B 140 9.27 14.01 -0.01
N GLU B 141 9.20 12.68 0.12
CA GLU B 141 9.97 11.75 -0.66
C GLU B 141 8.98 10.79 -1.31
N ILE B 142 9.13 10.52 -2.62
CA ILE B 142 8.12 9.76 -3.33
C ILE B 142 8.83 8.69 -4.17
N VAL B 143 8.38 7.43 -4.04
CA VAL B 143 8.88 6.33 -4.84
C VAL B 143 7.67 5.78 -5.60
N ILE B 144 7.71 5.86 -6.92
CA ILE B 144 6.62 5.46 -7.76
C ILE B 144 6.85 4.01 -8.17
N CYS B 145 5.82 3.19 -8.01
CA CYS B 145 5.87 1.80 -8.36
C CYS B 145 4.73 1.54 -9.34
N PRO B 146 4.95 1.71 -10.66
CA PRO B 146 3.85 1.64 -11.62
C PRO B 146 3.15 0.26 -11.62
N ASN B 147 3.92 -0.79 -11.37
CA ASN B 147 3.42 -2.13 -11.14
C ASN B 147 2.62 -2.53 -12.39
N ALA B 148 1.31 -2.83 -12.24
CA ALA B 148 0.48 -3.24 -13.35
C ALA B 148 0.62 -2.30 -14.57
N THR B 149 0.81 -1.00 -14.31
CA THR B 149 0.81 -0.01 -15.32
C THR B 149 1.84 -0.35 -16.38
N ASN B 150 2.98 -0.93 -15.99
CA ASN B 150 4.05 -1.22 -16.93
C ASN B 150 3.57 -2.20 -17.99
N HIS B 151 2.47 -2.93 -17.75
CA HIS B 151 1.98 -3.93 -18.68
C HIS B 151 0.87 -3.37 -19.58
N PHE B 152 0.60 -2.07 -19.48
CA PHE B 152 -0.55 -1.43 -20.18
C PHE B 152 0.00 -0.95 -21.53
N THR B 153 0.22 -1.92 -22.40
CA THR B 153 0.94 -1.71 -23.64
C THR B 153 -0.03 -1.52 -24.79
N PRO B 154 0.44 -1.03 -25.96
CA PRO B 154 -0.47 -0.92 -27.09
C PRO B 154 -0.97 -2.29 -27.56
N GLU B 155 -0.13 -3.32 -27.43
CA GLU B 155 -0.51 -4.64 -27.93
C GLU B 155 -1.61 -5.22 -27.06
N LEU B 156 -1.51 -4.99 -25.73
CA LEU B 156 -2.54 -5.45 -24.81
CA LEU B 156 -2.54 -5.47 -24.83
C LEU B 156 -3.82 -4.67 -25.08
N LEU B 157 -3.68 -3.35 -25.17
CA LEU B 157 -4.83 -2.49 -25.37
C LEU B 157 -5.59 -2.94 -26.61
N ARG B 158 -4.86 -3.16 -27.71
CA ARG B 158 -5.46 -3.57 -28.97
C ARG B 158 -6.15 -4.92 -28.78
N ALA B 159 -5.44 -5.88 -28.18
CA ALA B 159 -5.95 -7.24 -27.97
C ALA B 159 -7.28 -7.21 -27.22
N GLN B 160 -7.40 -6.31 -26.24
CA GLN B 160 -8.59 -6.24 -25.39
C GLN B 160 -9.71 -5.40 -26.02
N THR B 161 -9.44 -4.63 -27.08
CA THR B 161 -10.44 -3.63 -27.55
C THR B 161 -10.74 -3.77 -29.06
N ASN B 162 -10.36 -4.90 -29.69
CA ASN B 162 -10.53 -5.09 -31.12
C ASN B 162 -9.82 -3.98 -31.89
N ASN B 163 -8.52 -3.81 -31.62
CA ASN B 163 -7.72 -2.77 -32.18
C ASN B 163 -8.45 -1.42 -32.05
N TYR B 164 -8.85 -1.08 -30.82
CA TYR B 164 -9.32 0.24 -30.36
C TYR B 164 -10.80 0.45 -30.67
N GLU B 165 -11.42 -0.47 -31.43
CA GLU B 165 -12.80 -0.27 -31.89
C GLU B 165 -13.79 -0.25 -30.72
N ARG B 166 -13.50 -0.97 -29.65
CA ARG B 166 -14.44 -1.04 -28.54
C ARG B 166 -14.46 0.26 -27.72
N ILE B 167 -13.36 1.02 -27.75
CA ILE B 167 -13.23 2.17 -26.91
C ILE B 167 -13.30 3.46 -27.72
N LEU B 168 -13.05 3.40 -29.03
CA LEU B 168 -13.12 4.60 -29.84
C LEU B 168 -14.35 4.52 -30.75
N HIS B 169 -15.54 4.32 -30.17
CA HIS B 169 -16.82 4.37 -30.93
C HIS B 169 -16.91 5.72 -31.68
N THR B 170 -17.65 5.76 -32.78
CA THR B 170 -18.17 7.03 -33.28
C THR B 170 -19.05 7.59 -32.17
N GLY B 171 -18.95 8.90 -31.91
CA GLY B 171 -19.66 9.51 -30.77
C GLY B 171 -18.76 9.79 -29.58
N LEU B 172 -17.57 9.17 -29.53
CA LEU B 172 -16.55 9.62 -28.59
C LEU B 172 -16.04 10.98 -29.04
N LYS B 173 -16.08 11.96 -28.13
CA LYS B 173 -15.80 13.35 -28.46
C LYS B 173 -14.36 13.72 -28.08
N TYR B 174 -13.86 13.20 -26.95
CA TYR B 174 -12.56 13.60 -26.41
C TYR B 174 -11.75 12.38 -25.89
N LEU B 175 -10.43 12.50 -25.99
CA LEU B 175 -9.49 11.57 -25.40
C LEU B 175 -8.57 12.40 -24.55
N ILE B 176 -8.31 11.95 -23.33
CA ILE B 176 -7.28 12.55 -22.53
C ILE B 176 -6.21 11.52 -22.26
N CYS B 177 -4.96 11.88 -22.54
CA CYS B 177 -3.83 11.08 -22.19
C CYS B 177 -2.84 11.93 -21.42
N GLN B 178 -2.00 11.24 -20.64
CA GLN B 178 -0.93 11.86 -19.95
C GLN B 178 0.34 11.10 -20.32
N ASN B 179 1.36 11.19 -19.46
CA ASN B 179 2.62 10.54 -19.77
C ASN B 179 3.03 9.67 -18.59
N GLU B 180 2.05 9.00 -17.97
CA GLU B 180 2.30 8.19 -16.82
C GLU B 180 1.95 6.71 -17.07
N ILE B 181 1.88 6.32 -18.36
CA ILE B 181 1.78 4.92 -18.78
C ILE B 181 2.83 4.72 -19.88
N PRO B 182 3.06 3.50 -20.37
CA PRO B 182 4.06 3.33 -21.42
C PRO B 182 3.79 4.33 -22.54
N LEU B 183 4.82 5.08 -22.91
CA LEU B 183 4.66 6.14 -23.93
C LEU B 183 4.00 5.62 -25.20
N PRO B 184 4.33 4.42 -25.72
CA PRO B 184 3.76 3.98 -27.00
C PRO B 184 2.24 3.80 -26.91
N THR B 185 1.73 3.48 -25.72
CA THR B 185 0.31 3.32 -25.54
C THR B 185 -0.36 4.69 -25.71
N THR B 186 0.26 5.69 -25.09
CA THR B 186 -0.20 7.08 -25.16
C THR B 186 -0.21 7.53 -26.63
N LEU B 187 0.94 7.42 -27.29
CA LEU B 187 1.08 7.95 -28.65
C LEU B 187 0.15 7.22 -29.62
N ASP B 188 0.09 5.88 -29.52
CA ASP B 188 -0.68 5.11 -30.46
C ASP B 188 -2.16 5.43 -30.29
N THR B 189 -2.60 5.60 -29.02
CA THR B 189 -4.00 5.89 -28.74
C THR B 189 -4.37 7.26 -29.30
N ILE B 190 -3.51 8.25 -29.05
CA ILE B 190 -3.74 9.58 -29.55
C ILE B 190 -3.88 9.51 -31.08
N LYS B 191 -2.99 8.76 -31.73
CA LYS B 191 -3.01 8.72 -33.18
C LYS B 191 -4.29 8.05 -33.67
N GLU B 192 -4.65 6.89 -33.10
CA GLU B 192 -5.86 6.19 -33.50
C GLU B 192 -7.08 7.08 -33.28
N ALA B 193 -7.14 7.75 -32.12
CA ALA B 193 -8.32 8.57 -31.79
C ALA B 193 -8.40 9.73 -32.80
N HIS B 194 -7.28 10.43 -33.01
CA HIS B 194 -7.26 11.57 -33.88
C HIS B 194 -7.73 11.15 -35.29
N SER B 195 -7.31 9.98 -35.75
CA SER B 195 -7.64 9.48 -37.11
C SER B 195 -9.15 9.21 -37.24
N ARG B 196 -9.84 9.06 -36.10
CA ARG B 196 -11.28 8.85 -36.11
C ARG B 196 -12.04 10.13 -35.86
N GLY B 197 -11.34 11.27 -35.79
CA GLY B 197 -12.01 12.52 -35.59
C GLY B 197 -12.32 12.77 -34.12
N VAL B 198 -11.61 12.10 -33.21
CA VAL B 198 -11.70 12.42 -31.79
C VAL B 198 -10.75 13.58 -31.54
N TYR B 199 -11.20 14.54 -30.70
CA TYR B 199 -10.37 15.61 -30.19
C TYR B 199 -9.48 15.08 -29.05
N THR B 200 -8.16 15.16 -29.26
CA THR B 200 -7.19 14.53 -28.42
C THR B 200 -6.53 15.59 -27.55
N VAL B 201 -6.49 15.32 -26.25
CA VAL B 201 -5.88 16.15 -25.30
C VAL B 201 -4.69 15.41 -24.72
N PHE B 202 -3.53 16.05 -24.74
CA PHE B 202 -2.33 15.42 -24.23
C PHE B 202 -1.67 16.37 -23.22
N ASN B 203 -1.64 15.90 -21.99
CA ASN B 203 -1.00 16.53 -20.88
C ASN B 203 0.32 15.78 -20.62
N SER B 204 1.48 16.38 -20.95
CA SER B 204 2.73 15.64 -21.01
C SER B 204 3.38 15.66 -19.63
N ALA B 205 2.69 15.03 -18.67
CA ALA B 205 3.03 14.97 -17.25
C ALA B 205 3.03 13.49 -16.81
N PRO B 206 4.06 13.07 -16.08
CA PRO B 206 5.22 13.88 -15.76
C PRO B 206 6.06 14.25 -17.00
N ALA B 207 6.93 15.24 -16.81
CA ALA B 207 7.63 15.88 -17.88
C ALA B 207 8.34 14.82 -18.70
N PRO B 208 8.18 14.83 -20.04
CA PRO B 208 8.87 13.89 -20.91
C PRO B 208 10.40 14.08 -20.92
N LYS B 209 11.10 12.95 -20.80
CA LYS B 209 12.55 12.85 -20.88
C LYS B 209 13.02 13.10 -22.32
N PRO B 210 14.31 13.41 -22.52
CA PRO B 210 14.79 13.73 -23.87
C PRO B 210 14.38 12.74 -24.96
N ALA B 211 14.48 11.43 -24.66
CA ALA B 211 14.08 10.38 -25.59
C ALA B 211 12.55 10.36 -25.80
N GLU B 212 11.79 10.73 -24.77
CA GLU B 212 10.34 10.80 -24.90
C GLU B 212 9.96 11.95 -25.86
N VAL B 213 10.58 13.11 -25.66
CA VAL B 213 10.35 14.27 -26.49
C VAL B 213 10.57 13.89 -27.97
N GLU B 214 11.68 13.20 -28.26
CA GLU B 214 12.02 12.81 -29.63
C GLU B 214 10.87 12.00 -30.22
N GLN B 215 10.30 11.10 -29.42
CA GLN B 215 9.23 10.22 -29.92
C GLN B 215 7.89 10.95 -29.97
N ILE B 216 7.66 11.87 -29.03
CA ILE B 216 6.39 12.64 -28.98
C ILE B 216 6.25 13.54 -30.23
N LYS B 217 7.35 14.17 -30.64
CA LYS B 217 7.31 15.28 -31.60
C LYS B 217 6.58 14.86 -32.87
N PRO B 218 6.91 13.72 -33.50
CA PRO B 218 6.17 13.28 -34.69
C PRO B 218 4.68 12.98 -34.48
N PHE B 219 4.21 12.88 -33.23
CA PHE B 219 2.78 12.59 -32.96
C PHE B 219 1.98 13.88 -32.65
N LEU B 220 2.66 15.01 -32.56
CA LEU B 220 2.01 16.26 -32.17
C LEU B 220 0.95 16.67 -33.19
N PRO B 221 1.09 16.35 -34.50
CA PRO B 221 0.00 16.59 -35.45
C PRO B 221 -1.29 15.85 -35.09
N TYR B 222 -1.20 14.78 -34.27
CA TYR B 222 -2.42 14.07 -33.86
C TYR B 222 -2.95 14.58 -32.50
N VAL B 223 -2.32 15.60 -31.93
CA VAL B 223 -2.72 16.18 -30.65
C VAL B 223 -3.58 17.42 -30.90
N SER B 224 -4.90 17.33 -30.67
CA SER B 224 -5.82 18.46 -30.83
C SER B 224 -5.45 19.56 -29.85
N LEU B 225 -5.15 19.17 -28.61
CA LEU B 225 -4.80 20.12 -27.56
C LEU B 225 -3.63 19.59 -26.74
N PHE B 226 -2.53 20.34 -26.71
CA PHE B 226 -1.39 20.04 -25.89
C PHE B 226 -1.45 20.97 -24.69
N CYS B 227 -1.50 20.41 -23.46
CA CYS B 227 -1.74 21.19 -22.25
CA CYS B 227 -1.72 21.19 -22.25
C CYS B 227 -0.65 20.91 -21.22
N PRO B 228 0.59 21.41 -21.42
CA PRO B 228 1.66 21.21 -20.46
C PRO B 228 1.69 22.35 -19.44
N ASN B 229 2.47 22.18 -18.38
CA ASN B 229 2.86 23.27 -17.48
C ASN B 229 4.11 23.94 -18.08
N GLU B 230 4.78 24.80 -17.31
CA GLU B 230 5.89 25.65 -17.85
C GLU B 230 7.06 24.75 -18.31
N VAL B 231 7.56 23.95 -17.36
CA VAL B 231 8.67 23.01 -17.61
CA VAL B 231 8.68 23.02 -17.63
C VAL B 231 8.37 22.14 -18.84
N GLU B 232 7.17 21.55 -18.90
CA GLU B 232 6.88 20.53 -19.91
C GLU B 232 6.87 21.18 -21.31
N ALA B 233 6.37 22.41 -21.38
CA ALA B 233 6.42 23.24 -22.63
C ALA B 233 7.88 23.52 -22.99
N THR B 234 8.68 23.87 -21.98
CA THR B 234 10.13 24.09 -22.11
C THR B 234 10.79 22.89 -22.81
N LEU B 235 10.63 21.70 -22.22
CA LEU B 235 11.39 20.53 -22.65
C LEU B 235 10.97 20.11 -24.08
N ILE B 236 9.73 20.42 -24.48
CA ILE B 236 9.17 20.00 -25.81
C ILE B 236 9.56 20.96 -26.95
N THR B 237 9.52 22.28 -26.69
CA THR B 237 9.75 23.31 -27.76
C THR B 237 11.22 23.75 -27.80
N GLY B 238 11.89 23.68 -26.63
CA GLY B 238 13.22 24.26 -26.40
C GLY B 238 13.14 25.67 -25.87
N VAL B 239 11.95 26.28 -26.00
CA VAL B 239 11.60 27.62 -25.55
C VAL B 239 11.46 27.56 -24.01
N LYS B 240 12.41 28.18 -23.28
CA LYS B 240 12.33 28.25 -21.83
C LYS B 240 11.12 29.12 -21.45
N VAL B 241 10.26 28.63 -20.54
CA VAL B 241 9.00 29.34 -20.14
C VAL B 241 9.01 29.63 -18.63
N THR B 242 8.94 30.92 -18.31
CA THR B 242 8.98 31.43 -16.95
C THR B 242 7.76 32.33 -16.66
N ASP B 243 7.08 32.77 -17.73
CA ASP B 243 6.10 33.87 -17.69
C ASP B 243 5.31 33.92 -19.02
N THR B 244 4.53 35.01 -19.19
CA THR B 244 3.53 35.13 -20.23
C THR B 244 4.18 35.29 -21.61
N GLU B 245 5.12 36.24 -21.72
CA GLU B 245 5.77 36.55 -22.99
C GLU B 245 6.34 35.24 -23.59
N SER B 246 7.20 34.56 -22.81
CA SER B 246 7.81 33.29 -23.25
C SER B 246 6.76 32.22 -23.57
N ALA B 247 5.67 32.16 -22.77
CA ALA B 247 4.66 31.11 -22.93
C ALA B 247 4.05 31.21 -24.32
N PHE B 248 3.86 32.47 -24.79
CA PHE B 248 3.31 32.78 -26.11
C PHE B 248 4.28 32.29 -27.19
N SER B 249 5.59 32.41 -26.92
CA SER B 249 6.60 31.91 -27.86
C SER B 249 6.42 30.39 -27.99
N ALA B 250 6.38 29.74 -26.83
CA ALA B 250 6.21 28.31 -26.73
C ALA B 250 4.94 27.90 -27.49
N ILE B 251 3.83 28.64 -27.34
CA ILE B 251 2.57 28.36 -28.09
C ILE B 251 2.80 28.34 -29.62
N LYS B 252 3.41 29.40 -30.16
CA LYS B 252 3.73 29.43 -31.58
C LYS B 252 4.57 28.18 -31.91
N ALA B 253 5.57 27.87 -31.09
CA ALA B 253 6.48 26.73 -31.34
C ALA B 253 5.67 25.43 -31.48
N LEU B 254 4.63 25.26 -30.63
CA LEU B 254 3.76 24.05 -30.61
C LEU B 254 2.81 24.01 -31.82
N GLN B 255 2.33 25.17 -32.29
CA GLN B 255 1.55 25.24 -33.56
C GLN B 255 2.46 24.76 -34.70
N GLN B 256 3.72 25.24 -34.69
CA GLN B 256 4.76 24.86 -35.69
C GLN B 256 4.92 23.33 -35.74
N LEU B 257 4.88 22.69 -34.56
CA LEU B 257 5.08 21.21 -34.41
C LEU B 257 3.79 20.43 -34.77
N GLY B 258 2.69 21.15 -34.99
CA GLY B 258 1.46 20.62 -35.62
C GLY B 258 0.23 20.64 -34.70
N VAL B 259 0.38 21.14 -33.46
CA VAL B 259 -0.72 21.15 -32.51
C VAL B 259 -1.67 22.30 -32.87
N ARG B 260 -2.95 21.94 -32.98
CA ARG B 260 -4.07 22.85 -33.32
C ARG B 260 -4.28 23.86 -32.19
N ASP B 261 -4.69 23.34 -31.03
CA ASP B 261 -4.95 24.15 -29.85
C ASP B 261 -3.85 23.91 -28.82
N VAL B 262 -3.48 24.97 -28.10
CA VAL B 262 -2.39 24.89 -27.15
C VAL B 262 -2.81 25.63 -25.86
N VAL B 263 -2.69 24.96 -24.71
CA VAL B 263 -2.89 25.63 -23.41
C VAL B 263 -1.67 25.35 -22.54
N ILE B 264 -1.12 26.38 -21.88
CA ILE B 264 -0.05 26.18 -20.96
C ILE B 264 -0.47 26.70 -19.59
N THR B 265 -0.49 25.84 -18.58
CA THR B 265 -0.85 26.26 -17.21
C THR B 265 0.41 26.80 -16.53
N LEU B 266 0.20 27.76 -15.62
CA LEU B 266 1.22 28.67 -15.08
C LEU B 266 1.02 28.78 -13.58
N GLY B 267 0.47 27.72 -12.97
CA GLY B 267 0.28 27.74 -11.56
C GLY B 267 -0.59 28.90 -11.13
N ALA B 268 -0.12 29.67 -10.14
CA ALA B 268 -0.86 30.80 -9.59
C ALA B 268 -1.08 31.90 -10.64
N ALA B 269 -0.38 31.83 -11.78
CA ALA B 269 -0.49 32.81 -12.85
C ALA B 269 -1.55 32.38 -13.88
N GLY B 270 -2.30 31.33 -13.58
CA GLY B 270 -3.43 30.88 -14.43
C GLY B 270 -2.97 30.09 -15.64
N PHE B 271 -3.31 30.57 -16.83
CA PHE B 271 -2.89 29.90 -18.02
C PHE B 271 -2.71 30.88 -19.17
N VAL B 272 -2.13 30.38 -20.26
CA VAL B 272 -2.17 30.98 -21.58
C VAL B 272 -2.70 29.93 -22.55
N LEU B 273 -3.31 30.36 -23.65
CA LEU B 273 -3.77 29.45 -24.68
C LEU B 273 -3.88 30.15 -26.04
N SER B 274 -3.93 29.34 -27.12
CA SER B 274 -4.36 29.78 -28.44
C SER B 274 -5.26 28.72 -29.10
N GLU B 275 -6.48 29.12 -29.53
CA GLU B 275 -7.44 28.30 -30.28
CA GLU B 275 -7.38 28.21 -30.27
C GLU B 275 -7.09 28.35 -31.77
N ASN B 276 -6.67 27.22 -32.36
CA ASN B 276 -6.47 27.04 -33.79
C ASN B 276 -5.66 28.19 -34.43
N GLY B 277 -4.60 28.67 -33.76
CA GLY B 277 -3.66 29.60 -34.37
C GLY B 277 -4.01 31.07 -34.18
N ALA B 278 -4.94 31.37 -33.26
CA ALA B 278 -5.35 32.74 -32.94
C ALA B 278 -4.34 33.39 -31.98
N GLU B 279 -4.38 34.72 -31.91
CA GLU B 279 -3.53 35.49 -31.03
C GLU B 279 -3.70 34.94 -29.62
N PRO B 280 -2.60 34.57 -28.93
CA PRO B 280 -2.68 34.04 -27.57
C PRO B 280 -3.46 34.93 -26.58
N VAL B 281 -3.88 34.34 -25.46
CA VAL B 281 -4.52 35.07 -24.33
C VAL B 281 -3.97 34.53 -23.01
N HIS B 282 -3.73 35.45 -22.07
CA HIS B 282 -3.33 35.16 -20.71
C HIS B 282 -4.56 35.37 -19.83
N VAL B 283 -4.96 34.35 -19.09
CA VAL B 283 -5.90 34.56 -18.01
C VAL B 283 -5.12 34.29 -16.73
N THR B 284 -5.19 35.23 -15.80
CA THR B 284 -4.37 35.08 -14.65
C THR B 284 -5.06 34.13 -13.67
N GLY B 285 -4.28 33.72 -12.67
CA GLY B 285 -4.76 32.84 -11.66
C GLY B 285 -5.76 33.54 -10.77
N LYS B 286 -6.67 32.74 -10.20
CA LYS B 286 -7.54 33.21 -9.15
C LYS B 286 -6.68 33.42 -7.92
N HIS B 287 -6.97 34.48 -7.15
CA HIS B 287 -6.28 34.74 -5.90
C HIS B 287 -7.00 33.95 -4.81
N VAL B 288 -6.36 32.89 -4.31
CA VAL B 288 -6.88 32.03 -3.27
C VAL B 288 -5.74 31.70 -2.32
N LYS B 289 -6.10 31.21 -1.13
CA LYS B 289 -5.16 30.72 -0.15
C LYS B 289 -4.75 29.29 -0.51
N ALA B 290 -3.64 29.13 -1.22
CA ALA B 290 -3.09 27.82 -1.60
C ALA B 290 -2.59 27.10 -0.33
N VAL B 291 -3.30 26.02 0.03
CA VAL B 291 -2.97 25.13 1.15
C VAL B 291 -2.24 23.88 0.61
N ASP B 292 -2.71 23.37 -0.53
CA ASP B 292 -2.17 22.15 -1.08
C ASP B 292 -2.52 22.11 -2.57
N THR B 293 -1.49 22.24 -3.39
CA THR B 293 -1.70 22.34 -4.83
CA THR B 293 -1.60 22.34 -4.84
C THR B 293 -1.57 20.96 -5.52
N THR B 294 -1.44 19.88 -4.71
CA THR B 294 -1.26 18.55 -5.31
C THR B 294 -2.48 18.22 -6.17
N GLY B 295 -2.25 17.85 -7.44
CA GLY B 295 -3.31 17.41 -8.30
C GLY B 295 -4.07 18.56 -8.98
N ALA B 296 -3.62 19.80 -8.75
CA ALA B 296 -4.30 20.98 -9.29
C ALA B 296 -4.30 20.95 -10.81
N GLY B 297 -3.20 20.56 -11.44
CA GLY B 297 -3.11 20.48 -12.90
C GLY B 297 -4.03 19.43 -13.46
N ASP B 298 -4.15 18.31 -12.72
CA ASP B 298 -5.01 17.24 -13.15
C ASP B 298 -6.46 17.72 -13.13
N CYS B 299 -6.80 18.46 -12.07
CA CYS B 299 -8.12 19.05 -11.94
C CYS B 299 -8.38 20.01 -13.11
N PHE B 300 -7.40 20.83 -13.46
CA PHE B 300 -7.56 21.78 -14.54
C PHE B 300 -7.87 21.03 -15.85
N VAL B 301 -7.06 20.01 -16.17
CA VAL B 301 -7.21 19.32 -17.44
C VAL B 301 -8.56 18.62 -17.54
N GLY B 302 -8.94 17.88 -16.49
CA GLY B 302 -10.19 17.12 -16.52
C GLY B 302 -11.39 18.05 -16.56
N SER B 303 -11.34 19.13 -15.76
CA SER B 303 -12.41 20.14 -15.74
C SER B 303 -12.53 20.78 -17.13
N MET B 304 -11.39 21.17 -17.68
CA MET B 304 -11.35 21.82 -18.99
C MET B 304 -12.11 20.95 -20.00
N VAL B 305 -11.79 19.65 -20.02
CA VAL B 305 -12.38 18.77 -21.00
C VAL B 305 -13.89 18.59 -20.73
N TYR B 306 -14.30 18.51 -19.47
CA TYR B 306 -15.67 18.37 -19.15
C TYR B 306 -16.43 19.55 -19.78
N PHE B 307 -15.92 20.76 -19.58
CA PHE B 307 -16.63 21.97 -20.03
C PHE B 307 -16.67 22.00 -21.57
N MET B 308 -15.59 21.58 -22.21
CA MET B 308 -15.61 21.49 -23.67
C MET B 308 -16.66 20.46 -24.09
N SER B 309 -16.80 19.35 -23.33
CA SER B 309 -17.79 18.33 -23.64
CA SER B 309 -17.79 18.35 -23.67
C SER B 309 -19.21 18.90 -23.49
N ARG B 310 -19.36 19.90 -22.62
CA ARG B 310 -20.69 20.52 -22.41
C ARG B 310 -21.00 21.53 -23.52
N GLY B 311 -20.04 21.80 -24.39
CA GLY B 311 -20.22 22.68 -25.55
C GLY B 311 -19.52 24.03 -25.40
N ARG B 312 -18.76 24.27 -24.32
CA ARG B 312 -18.01 25.52 -24.23
C ARG B 312 -16.79 25.43 -25.14
N ASN B 313 -16.33 26.60 -25.60
CA ASN B 313 -15.13 26.67 -26.41
C ASN B 313 -13.93 26.66 -25.47
N LEU B 314 -12.74 26.53 -26.07
CA LEU B 314 -11.52 26.28 -25.34
C LEU B 314 -11.31 27.34 -24.26
N LEU B 315 -11.55 28.62 -24.60
CA LEU B 315 -11.26 29.66 -23.66
C LEU B 315 -12.26 29.63 -22.51
N GLU B 316 -13.56 29.47 -22.80
CA GLU B 316 -14.58 29.42 -21.72
C GLU B 316 -14.31 28.19 -20.83
N ALA B 317 -14.01 27.07 -21.50
CA ALA B 317 -13.63 25.80 -20.78
C ALA B 317 -12.45 26.09 -19.84
N CYS B 318 -11.39 26.68 -20.38
CA CYS B 318 -10.19 26.90 -19.61
C CYS B 318 -10.40 27.91 -18.49
N LYS B 319 -11.22 28.94 -18.71
CA LYS B 319 -11.54 29.90 -17.67
C LYS B 319 -12.19 29.18 -16.47
N ARG B 320 -13.10 28.26 -16.74
CA ARG B 320 -13.84 27.54 -15.70
C ARG B 320 -12.92 26.49 -15.01
N ALA B 321 -12.08 25.86 -15.81
CA ALA B 321 -11.07 24.91 -15.33
C ALA B 321 -10.08 25.61 -14.39
N ASN B 322 -9.69 26.83 -14.76
CA ASN B 322 -8.86 27.65 -13.96
C ASN B 322 -9.51 27.87 -12.57
N GLU B 323 -10.81 28.16 -12.56
CA GLU B 323 -11.55 28.39 -11.32
C GLU B 323 -11.63 27.10 -10.48
N CYS B 324 -11.94 25.98 -11.13
CA CYS B 324 -12.00 24.69 -10.46
C CYS B 324 -10.64 24.34 -9.80
N ALA B 325 -9.54 24.52 -10.55
CA ALA B 325 -8.20 24.18 -10.07
C ALA B 325 -7.81 25.10 -8.92
N ALA B 326 -8.16 26.39 -9.03
CA ALA B 326 -7.95 27.32 -7.93
C ALA B 326 -8.64 26.82 -6.64
N ILE B 327 -9.91 26.44 -6.76
CA ILE B 327 -10.67 25.93 -5.62
C ILE B 327 -9.99 24.67 -5.02
N SER B 328 -9.48 23.80 -5.88
CA SER B 328 -8.84 22.56 -5.43
C SER B 328 -7.62 22.88 -4.56
N VAL B 329 -6.92 23.95 -4.90
CA VAL B 329 -5.69 24.33 -4.24
C VAL B 329 -5.97 24.80 -2.80
N THR B 330 -7.23 25.10 -2.49
CA THR B 330 -7.57 25.62 -1.14
C THR B 330 -7.76 24.54 -0.12
N ARG B 331 -7.75 23.26 -0.53
CA ARG B 331 -7.94 22.14 0.39
C ARG B 331 -6.93 21.04 0.04
N LYS B 332 -6.47 20.33 1.07
CA LYS B 332 -5.71 19.06 0.94
C LYS B 332 -6.61 17.99 0.33
N GLY B 333 -6.00 16.94 -0.23
CA GLY B 333 -6.67 15.69 -0.47
C GLY B 333 -6.58 15.24 -1.91
N THR B 334 -5.93 16.00 -2.80
CA THR B 334 -5.85 15.67 -4.25
C THR B 334 -7.26 15.50 -4.81
N GLN B 335 -7.67 14.28 -5.18
CA GLN B 335 -8.99 14.10 -5.74
C GLN B 335 -10.08 14.64 -4.79
N LEU B 336 -9.92 14.46 -3.48
CA LEU B 336 -10.90 14.92 -2.51
C LEU B 336 -11.06 16.44 -2.54
N SER B 337 -10.05 17.15 -3.00
CA SER B 337 -10.15 18.62 -3.11
C SER B 337 -10.84 19.05 -4.42
N TYR B 338 -11.09 18.13 -5.36
CA TYR B 338 -11.74 18.50 -6.63
C TYR B 338 -13.23 18.77 -6.38
N PRO B 339 -13.75 19.89 -6.90
CA PRO B 339 -15.11 20.31 -6.56
C PRO B 339 -16.17 19.44 -7.24
N HIS B 340 -17.29 19.32 -6.55
CA HIS B 340 -18.54 18.89 -7.10
C HIS B 340 -19.35 20.12 -7.49
N PRO B 341 -20.28 20.02 -8.47
CA PRO B 341 -21.10 21.16 -8.91
C PRO B 341 -21.81 21.93 -7.79
N SER B 342 -22.36 21.21 -6.82
CA SER B 342 -23.11 21.81 -5.69
C SER B 342 -22.22 22.69 -4.81
N GLU B 343 -20.92 22.44 -4.86
CA GLU B 343 -19.95 23.17 -4.07
C GLU B 343 -19.46 24.45 -4.78
N LEU B 344 -19.59 24.55 -6.11
CA LEU B 344 -19.03 25.65 -6.85
C LEU B 344 -19.82 26.94 -6.57
N PRO B 345 -19.16 28.09 -6.54
CA PRO B 345 -19.87 29.36 -6.59
C PRO B 345 -20.70 29.47 -7.89
N ALA B 346 -21.77 30.26 -7.84
CA ALA B 346 -22.64 30.44 -9.00
C ALA B 346 -21.77 31.00 -10.14
N GLY B 347 -22.07 30.55 -11.36
CA GLY B 347 -21.46 31.07 -12.56
C GLY B 347 -20.21 30.32 -13.02
N VAL B 348 -19.93 29.14 -12.44
CA VAL B 348 -18.83 28.30 -12.92
C VAL B 348 -19.37 27.22 -13.87
N MET B 349 -20.42 26.48 -13.44
CA MET B 349 -20.99 25.35 -14.20
C MET B 349 -21.58 25.84 -15.54
#